data_8TFP
#
_entry.id   8TFP
#
_cell.length_a   71.050
_cell.length_b   73.492
_cell.length_c   95.089
_cell.angle_alpha   90.00
_cell.angle_beta   90.38
_cell.angle_gamma   90.00
#
_symmetry.space_group_name_H-M   'P 1 21 1'
#
loop_
_entity.id
_entity.type
_entity.pdbx_description
1 polymer 'Light chain of Fab from C10-S66K antibody'
2 polymer 'Heavy chain of Fab from C10-S66K antibody'
3 non-polymer Carfentanil
4 water water
#
loop_
_entity_poly.entity_id
_entity_poly.type
_entity_poly.pdbx_seq_one_letter_code
_entity_poly.pdbx_strand_id
1 'polypeptide(L)'
;SYELTQPPSVSVSPGQTARITCSGDTLPKRSGYWYQQKPDQAPLLVINKDTERPSGIPERFSGSKSGTTVTLTISGVQAE
DEADYYCQSADSSFTYPSFGGGTKLTVLGQPKAAPSVTLFPPSSEELQANKATLVCLISDFYPGAVTVAWKADSSPVKAG
VETTTPSKQSNNKYAASSYLSLTPEQWKSHRSYSCQVTHEGSTVEKTVAPTECS
;
A,L
2 'polypeptide(L)'
;QVQLQESGPGLVKPSGTLSLTCTVSGGFISSRNWWSWVRQPPGKGLEWIGEVYHTGITNYNPSLKSRVTISVDKSKNQFS
LKLSSVTAADTAVYYCAREVVGPTTGYFDLWGRGTLVTIVSRRLPPSVFPLAPSSKSTSGGTAALGCLVKDYFPEPVTVS
WNSGALTSGVHTFPAVLQSSGLYSLSSVVTVPSSSLGTQTYICNVNHKPSNTKVDKKVEPKSC
;
B,H
#
loop_
_chem_comp.id
_chem_comp.type
_chem_comp.name
_chem_comp.formula
84K non-polymer Carfentanil 'C24 H30 N2 O3'
#
# COMPACT_ATOMS: atom_id res chain seq x y z
N GLU A 3 -0.60 -36.80 28.93
CA GLU A 3 -0.35 -37.63 30.10
C GLU A 3 -0.73 -36.91 31.41
N LEU A 4 -0.76 -35.58 31.38
CA LEU A 4 -1.05 -34.76 32.55
C LEU A 4 -2.42 -34.11 32.39
N THR A 5 -3.27 -34.20 33.42
CA THR A 5 -4.66 -33.81 33.33
C THR A 5 -4.96 -32.70 34.34
N GLN A 6 -5.35 -31.53 33.85
CA GLN A 6 -5.86 -30.52 34.76
C GLN A 6 -7.16 -29.95 34.21
N PRO A 7 -8.02 -29.42 35.08
CA PRO A 7 -9.29 -28.89 34.61
C PRO A 7 -9.08 -27.65 33.78
N PRO A 8 -9.87 -27.44 32.72
CA PRO A 8 -9.66 -26.25 31.88
C PRO A 8 -9.97 -24.94 32.58
N SER A 9 -10.83 -24.92 33.59
CA SER A 9 -11.19 -23.66 34.25
C SER A 9 -11.52 -23.88 35.72
N VAL A 10 -11.24 -22.84 36.51
CA VAL A 10 -11.62 -22.74 37.92
C VAL A 10 -12.00 -21.31 38.21
N SER A 11 -13.10 -21.12 38.95
CA SER A 11 -13.54 -19.77 39.28
C SER A 11 -13.72 -19.65 40.79
N VAL A 12 -13.32 -18.50 41.33
CA VAL A 12 -13.44 -18.23 42.76
C VAL A 12 -13.74 -16.74 42.98
N SER A 13 -14.28 -16.47 44.15
CA SER A 13 -14.58 -15.11 44.58
C SER A 13 -13.37 -14.51 45.29
N PRO A 14 -13.20 -13.20 45.22
CA PRO A 14 -12.09 -12.55 45.93
C PRO A 14 -12.04 -13.01 47.38
N GLY A 15 -10.82 -13.28 47.85
CA GLY A 15 -10.62 -13.68 49.23
C GLY A 15 -10.86 -15.14 49.52
N GLN A 16 -11.43 -15.89 48.58
CA GLN A 16 -11.61 -17.33 48.74
C GLN A 16 -10.33 -18.07 48.38
N THR A 17 -10.35 -19.38 48.54
CA THR A 17 -9.22 -20.24 48.22
C THR A 17 -9.50 -21.00 46.94
N ALA A 18 -8.55 -20.96 46.01
CA ALA A 18 -8.63 -21.71 44.76
C ALA A 18 -7.76 -22.95 44.86
N ARG A 19 -8.30 -24.08 44.39
CA ARG A 19 -7.57 -25.35 44.32
C ARG A 19 -7.51 -25.76 42.86
N ILE A 20 -6.30 -25.95 42.35
CA ILE A 20 -6.10 -26.45 40.99
C ILE A 20 -5.36 -27.76 41.06
N THR A 21 -5.97 -28.81 40.55
CA THR A 21 -5.39 -30.15 40.61
C THR A 21 -4.77 -30.52 39.27
N CYS A 22 -3.82 -31.44 39.34
CA CYS A 22 -3.08 -31.98 38.20
C CYS A 22 -2.90 -33.47 38.48
N SER A 23 -3.29 -34.30 37.52
N SER A 23 -3.30 -34.30 37.52
CA SER A 23 -3.25 -35.75 37.71
CA SER A 23 -3.25 -35.75 37.69
C SER A 23 -2.36 -36.39 36.65
C SER A 23 -2.35 -36.37 36.65
N GLY A 24 -1.57 -37.36 37.06
CA GLY A 24 -0.72 -38.07 36.13
C GLY A 24 0.08 -39.15 36.82
N ASP A 25 0.24 -40.29 36.15
CA ASP A 25 0.92 -41.41 36.78
C ASP A 25 2.41 -41.14 37.00
N THR A 26 2.98 -40.14 36.34
CA THR A 26 4.43 -39.86 36.51
C THR A 26 4.72 -38.94 37.70
N LEU A 27 3.69 -38.34 38.27
CA LEU A 27 3.95 -37.32 39.32
C LEU A 27 4.77 -37.87 40.49
N PRO A 28 4.50 -39.07 40.99
CA PRO A 28 5.29 -39.54 42.12
C PRO A 28 6.80 -39.58 41.86
N LYS A 29 7.17 -40.11 40.72
CA LYS A 29 8.63 -40.25 40.48
C LYS A 29 9.20 -38.97 39.88
N ARG A 30 8.47 -38.30 38.99
CA ARG A 30 9.04 -37.14 38.23
C ARG A 30 8.65 -35.79 38.84
N SER A 31 7.75 -35.79 39.79
CA SER A 31 7.36 -34.56 40.50
C SER A 31 6.53 -33.62 39.63
N GLY A 32 5.93 -32.64 40.30
CA GLY A 32 5.14 -31.63 39.59
C GLY A 32 5.65 -30.22 39.85
N TYR A 33 5.54 -29.40 38.84
CA TYR A 33 5.98 -28.01 38.88
C TYR A 33 4.82 -27.16 38.35
N TRP A 34 4.59 -26.02 38.97
CA TRP A 34 3.47 -25.16 38.61
C TRP A 34 3.96 -23.83 38.09
N TYR A 35 3.36 -23.39 36.98
CA TYR A 35 3.69 -22.11 36.36
C TYR A 35 2.44 -21.26 36.24
N GLN A 36 2.62 -19.97 36.44
CA GLN A 36 1.57 -18.98 36.23
C GLN A 36 1.88 -18.24 34.94
N GLN A 37 0.87 -18.03 34.10
CA GLN A 37 1.10 -17.29 32.87
C GLN A 37 0.01 -16.25 32.67
N LYS A 38 0.40 -14.99 32.61
CA LYS A 38 -0.52 -13.91 32.33
C LYS A 38 -0.43 -13.52 30.86
N PRO A 39 -1.42 -12.80 30.34
CA PRO A 39 -1.42 -12.48 28.91
C PRO A 39 -0.13 -11.75 28.49
N ASP A 40 0.40 -12.14 27.32
CA ASP A 40 1.59 -11.54 26.72
C ASP A 40 2.84 -11.68 27.58
N GLN A 41 2.88 -12.65 28.48
CA GLN A 41 4.05 -12.87 29.34
C GLN A 41 4.47 -14.32 29.26
N ALA A 42 5.77 -14.56 29.51
CA ALA A 42 6.25 -15.93 29.64
C ALA A 42 5.74 -16.55 30.94
N PRO A 43 5.74 -17.87 31.03
CA PRO A 43 5.32 -18.54 32.26
C PRO A 43 6.29 -18.20 33.40
N LEU A 44 5.77 -18.24 34.63
CA LEU A 44 6.53 -17.96 35.84
C LEU A 44 6.36 -19.10 36.82
N LEU A 45 7.47 -19.68 37.26
CA LEU A 45 7.40 -20.81 38.20
C LEU A 45 6.90 -20.33 39.55
N VAL A 46 5.77 -20.88 40.01
CA VAL A 46 5.23 -20.51 41.31
C VAL A 46 5.37 -21.59 42.36
N ILE A 47 5.49 -22.86 41.98
CA ILE A 47 5.73 -23.95 42.92
C ILE A 47 6.75 -24.89 42.31
N ASN A 48 7.84 -25.13 43.03
CA ASN A 48 8.94 -25.96 42.59
C ASN A 48 8.87 -27.32 43.29
N LYS A 49 8.94 -28.40 42.51
CA LYS A 49 9.02 -29.76 43.06
C LYS A 49 7.94 -29.98 44.12
N ASP A 50 6.69 -29.94 43.63
CA ASP A 50 5.48 -30.26 44.38
C ASP A 50 5.12 -29.25 45.47
N THR A 51 6.09 -28.87 46.28
CA THR A 51 5.69 -28.10 47.48
C THR A 51 6.55 -26.87 47.76
N GLU A 52 7.62 -26.67 47.02
CA GLU A 52 8.54 -25.57 47.36
C GLU A 52 8.11 -24.27 46.71
N ARG A 53 8.07 -23.20 47.51
N ARG A 53 8.07 -23.20 47.51
CA ARG A 53 7.68 -21.87 46.98
CA ARG A 53 7.69 -21.89 46.95
C ARG A 53 8.98 -21.10 46.70
C ARG A 53 8.98 -21.10 46.69
N PRO A 54 9.17 -20.57 45.48
CA PRO A 54 10.38 -19.83 45.21
C PRO A 54 10.31 -18.52 46.00
N SER A 55 11.48 -18.01 46.37
CA SER A 55 11.50 -16.68 46.99
C SER A 55 10.99 -15.68 45.97
N GLY A 56 10.20 -14.74 46.41
CA GLY A 56 9.59 -13.80 45.51
C GLY A 56 8.18 -14.13 45.11
N ILE A 57 7.75 -15.38 45.33
CA ILE A 57 6.35 -15.76 45.12
C ILE A 57 5.56 -15.50 46.39
N PRO A 58 4.40 -14.83 46.30
CA PRO A 58 3.63 -14.52 47.50
C PRO A 58 3.33 -15.76 48.32
N GLU A 59 3.31 -15.58 49.65
CA GLU A 59 3.09 -16.70 50.56
C GLU A 59 1.73 -17.36 50.40
N ARG A 60 0.78 -16.72 49.70
CA ARG A 60 -0.53 -17.33 49.51
C ARG A 60 -0.53 -18.45 48.47
N PHE A 61 0.58 -18.66 47.77
CA PHE A 61 0.71 -19.80 46.88
C PHE A 61 1.32 -20.96 47.66
N SER A 62 0.71 -22.14 47.55
CA SER A 62 1.24 -23.34 48.18
C SER A 62 0.93 -24.53 47.29
N GLY A 63 1.66 -25.61 47.50
CA GLY A 63 1.48 -26.83 46.74
C GLY A 63 1.43 -28.02 47.66
N SER A 64 0.76 -29.07 47.20
CA SER A 64 0.67 -30.31 47.94
C SER A 64 0.77 -31.46 46.95
N LYS A 65 1.03 -32.64 47.48
CA LYS A 65 1.19 -33.81 46.63
C LYS A 65 0.36 -34.93 47.21
N SER A 66 -0.29 -35.69 46.33
CA SER A 66 -1.15 -36.82 46.71
C SER A 66 -0.95 -37.94 45.69
N GLY A 67 0.25 -38.48 45.65
CA GLY A 67 0.53 -39.59 44.73
C GLY A 67 0.35 -39.19 43.28
N THR A 68 -0.65 -39.76 42.62
CA THR A 68 -0.89 -39.49 41.17
C THR A 68 -1.57 -38.12 40.97
N THR A 69 -1.66 -37.33 42.03
N THR A 69 -1.67 -37.33 42.03
CA THR A 69 -2.25 -35.98 41.90
CA THR A 69 -2.24 -35.97 41.90
C THR A 69 -1.45 -34.94 42.69
C THR A 69 -1.44 -34.94 42.68
N VAL A 70 -1.28 -33.75 42.12
CA VAL A 70 -0.60 -32.65 42.85
C VAL A 70 -1.57 -31.47 42.76
N THR A 71 -1.53 -30.60 43.74
CA THR A 71 -2.49 -29.50 43.81
C THR A 71 -1.80 -28.18 44.11
N LEU A 72 -2.20 -27.15 43.36
CA LEU A 72 -1.81 -25.78 43.62
C LEU A 72 -2.94 -25.10 44.36
N THR A 73 -2.63 -24.51 45.52
CA THR A 73 -3.62 -23.81 46.32
C THR A 73 -3.21 -22.35 46.41
N ILE A 74 -4.16 -21.47 46.15
CA ILE A 74 -3.97 -20.02 46.28
C ILE A 74 -4.97 -19.54 47.32
N SER A 75 -4.48 -19.11 48.46
CA SER A 75 -5.37 -18.58 49.48
C SER A 75 -5.59 -17.10 49.25
N GLY A 76 -6.67 -16.58 49.85
CA GLY A 76 -7.03 -15.18 49.71
C GLY A 76 -6.83 -14.68 48.29
N VAL A 77 -7.53 -15.30 47.33
CA VAL A 77 -7.26 -15.01 45.94
C VAL A 77 -7.56 -13.56 45.64
N GLN A 78 -6.67 -12.92 44.89
CA GLN A 78 -6.82 -11.54 44.49
C GLN A 78 -7.06 -11.47 42.98
N ALA A 79 -7.57 -10.32 42.54
CA ALA A 79 -7.81 -10.13 41.11
C ALA A 79 -6.54 -10.33 40.30
N GLU A 80 -5.39 -9.96 40.86
CA GLU A 80 -4.12 -10.09 40.16
C GLU A 80 -3.71 -11.55 39.94
N ASP A 81 -4.34 -12.50 40.62
CA ASP A 81 -4.04 -13.91 40.44
C ASP A 81 -4.75 -14.52 39.24
N GLU A 82 -5.64 -13.78 38.60
CA GLU A 82 -6.28 -14.25 37.38
C GLU A 82 -5.21 -14.52 36.32
N ALA A 83 -5.16 -15.75 35.84
CA ALA A 83 -4.07 -16.17 34.96
C ALA A 83 -4.35 -17.60 34.52
N ASP A 84 -3.53 -18.10 33.60
CA ASP A 84 -3.48 -19.50 33.27
C ASP A 84 -2.44 -20.18 34.15
N TYR A 85 -2.74 -21.38 34.63
CA TYR A 85 -1.81 -22.14 35.46
C TYR A 85 -1.53 -23.48 34.80
N TYR A 86 -0.24 -23.80 34.61
CA TYR A 86 0.18 -25.03 33.96
C TYR A 86 0.89 -25.92 34.98
N CYS A 87 0.57 -27.20 34.99
CA CYS A 87 1.41 -28.13 35.72
C CYS A 87 2.35 -28.79 34.71
N GLN A 88 3.49 -29.22 35.21
CA GLN A 88 4.52 -29.82 34.35
C GLN A 88 5.20 -30.97 35.08
N SER A 89 5.47 -32.03 34.34
CA SER A 89 6.21 -33.17 34.92
C SER A 89 7.14 -33.71 33.82
N ALA A 90 7.39 -34.99 33.85
CA ALA A 90 8.18 -35.64 32.80
C ALA A 90 7.58 -37.02 32.53
N ASP A 91 7.94 -37.57 31.39
CA ASP A 91 7.39 -38.87 31.05
C ASP A 91 8.06 -39.98 31.88
N SER A 92 7.50 -41.18 31.78
CA SER A 92 7.95 -42.25 32.65
C SER A 92 9.39 -42.66 32.36
N SER A 93 9.91 -42.42 31.15
CA SER A 93 11.29 -42.75 30.83
C SER A 93 12.26 -41.60 31.12
N PHE A 94 11.79 -40.51 31.73
CA PHE A 94 12.55 -39.27 31.89
C PHE A 94 13.30 -38.93 30.60
N THR A 95 12.56 -38.92 29.50
CA THR A 95 13.11 -38.42 28.26
C THR A 95 12.58 -37.06 27.86
N TYR A 96 11.31 -36.77 28.17
CA TYR A 96 10.62 -35.59 27.68
C TYR A 96 9.84 -34.94 28.83
N PRO A 97 9.73 -33.62 28.83
CA PRO A 97 8.78 -32.97 29.75
C PRO A 97 7.35 -33.29 29.36
N SER A 98 6.45 -33.13 30.32
CA SER A 98 5.02 -33.18 30.04
C SER A 98 4.36 -31.94 30.60
N PHE A 99 3.37 -31.44 29.89
CA PHE A 99 2.62 -30.28 30.33
C PHE A 99 1.14 -30.64 30.43
N GLY A 100 0.47 -30.14 31.46
CA GLY A 100 -0.98 -30.11 31.44
C GLY A 100 -1.50 -29.12 30.42
N GLY A 101 -2.81 -29.21 30.16
CA GLY A 101 -3.45 -28.31 29.21
C GLY A 101 -3.58 -26.89 29.70
N GLY A 102 -3.38 -26.65 30.99
CA GLY A 102 -3.56 -25.33 31.53
C GLY A 102 -4.93 -25.18 32.16
N THR A 103 -4.99 -24.45 33.26
CA THR A 103 -6.23 -24.11 33.93
C THR A 103 -6.36 -22.60 33.95
N LYS A 104 -7.43 -22.08 33.40
CA LYS A 104 -7.72 -20.66 33.48
C LYS A 104 -8.40 -20.38 34.83
N LEU A 105 -7.76 -19.57 35.66
CA LEU A 105 -8.36 -19.14 36.92
C LEU A 105 -9.07 -17.81 36.71
N THR A 106 -10.38 -17.80 36.95
CA THR A 106 -11.19 -16.60 36.83
C THR A 106 -11.58 -16.14 38.24
N VAL A 107 -11.44 -14.85 38.50
CA VAL A 107 -11.80 -14.25 39.77
C VAL A 107 -13.10 -13.46 39.56
N LEU A 108 -14.14 -13.87 40.27
CA LEU A 108 -15.45 -13.26 40.12
C LEU A 108 -15.60 -12.10 41.12
N GLY A 109 -16.82 -11.58 41.25
CA GLY A 109 -17.10 -10.57 42.26
C GLY A 109 -16.69 -9.15 41.90
N GLN A 110 -16.29 -8.89 40.66
CA GLN A 110 -15.98 -7.53 40.26
C GLN A 110 -17.24 -6.66 40.31
N PRO A 111 -17.10 -5.39 40.64
CA PRO A 111 -18.29 -4.51 40.75
C PRO A 111 -18.88 -4.20 39.39
N LYS A 112 -20.21 -4.06 39.38
CA LYS A 112 -20.91 -3.75 38.13
C LYS A 112 -20.45 -2.42 37.58
N ALA A 113 -20.31 -2.35 36.25
CA ALA A 113 -19.83 -1.13 35.60
C ALA A 113 -20.55 -0.95 34.26
N ALA A 114 -21.10 0.27 34.03
CA ALA A 114 -21.86 0.55 32.82
C ALA A 114 -20.92 0.90 31.67
N PRO A 115 -21.29 0.55 30.44
CA PRO A 115 -20.40 0.78 29.29
C PRO A 115 -20.38 2.23 28.87
N SER A 116 -19.21 2.67 28.43
CA SER A 116 -19.07 3.90 27.66
C SER A 116 -19.10 3.54 26.18
N VAL A 117 -19.72 4.40 25.37
CA VAL A 117 -19.93 4.13 23.95
C VAL A 117 -19.40 5.29 23.14
N THR A 118 -18.63 4.99 22.11
CA THR A 118 -18.20 5.95 21.11
C THR A 118 -18.63 5.43 19.75
N LEU A 119 -19.24 6.28 18.94
CA LEU A 119 -19.71 5.89 17.62
C LEU A 119 -19.08 6.81 16.59
N PHE A 120 -18.42 6.20 15.60
CA PHE A 120 -17.79 6.96 14.54
C PHE A 120 -18.53 6.79 13.22
N PRO A 121 -18.66 7.85 12.45
CA PRO A 121 -19.23 7.75 11.11
C PRO A 121 -18.18 7.29 10.11
N PRO A 122 -18.57 7.05 8.87
CA PRO A 122 -17.59 6.70 7.83
C PRO A 122 -16.63 7.85 7.60
N SER A 123 -15.37 7.50 7.38
CA SER A 123 -14.35 8.46 7.01
C SER A 123 -14.53 8.90 5.56
N SER A 124 -14.07 10.13 5.26
CA SER A 124 -14.14 10.61 3.88
C SER A 124 -13.31 9.73 2.96
N GLU A 125 -12.15 9.26 3.45
CA GLU A 125 -11.32 8.35 2.66
C GLU A 125 -12.10 7.09 2.29
N GLU A 126 -12.85 6.52 3.24
CA GLU A 126 -13.58 5.30 2.92
C GLU A 126 -14.70 5.57 1.94
N LEU A 127 -15.44 6.66 2.12
CA LEU A 127 -16.50 6.98 1.17
C LEU A 127 -15.96 7.12 -0.25
N GLN A 128 -14.77 7.71 -0.38
CA GLN A 128 -14.15 7.84 -1.70
C GLN A 128 -13.83 6.48 -2.31
N ALA A 129 -13.60 5.47 -1.47
CA ALA A 129 -13.43 4.09 -1.90
C ALA A 129 -14.77 3.40 -2.14
N ASN A 130 -15.87 4.16 -2.11
CA ASN A 130 -17.21 3.63 -2.35
C ASN A 130 -17.59 2.59 -1.31
N LYS A 131 -17.20 2.84 -0.06
CA LYS A 131 -17.56 1.96 1.05
C LYS A 131 -17.95 2.84 2.22
N ALA A 132 -18.57 2.22 3.22
CA ALA A 132 -19.01 2.95 4.41
C ALA A 132 -19.05 1.96 5.56
N THR A 133 -18.37 2.30 6.65
CA THR A 133 -18.40 1.50 7.86
C THR A 133 -18.65 2.42 9.03
N LEU A 134 -19.65 2.10 9.84
CA LEU A 134 -19.86 2.76 11.11
C LEU A 134 -19.23 1.90 12.21
N VAL A 135 -18.56 2.55 13.17
CA VAL A 135 -17.80 1.84 14.20
C VAL A 135 -18.33 2.23 15.57
N CYS A 136 -18.84 1.25 16.30
CA CYS A 136 -19.37 1.44 17.65
C CYS A 136 -18.44 0.76 18.64
N LEU A 137 -17.81 1.55 19.51
CA LEU A 137 -16.83 1.03 20.45
C LEU A 137 -17.39 1.13 21.86
N ILE A 138 -17.33 0.03 22.60
CA ILE A 138 -17.98 -0.13 23.89
C ILE A 138 -16.93 -0.60 24.90
N SER A 139 -16.71 0.19 25.95
CA SER A 139 -15.61 -0.11 26.85
C SER A 139 -16.04 0.01 28.30
N ASP A 140 -15.23 -0.60 29.17
CA ASP A 140 -15.30 -0.36 30.62
C ASP A 140 -16.61 -0.85 31.23
N PHE A 141 -17.12 -2.00 30.79
CA PHE A 141 -18.34 -2.52 31.37
C PHE A 141 -18.08 -3.85 32.08
N TYR A 142 -19.03 -4.21 32.94
CA TYR A 142 -19.01 -5.45 33.73
C TYR A 142 -20.41 -5.71 34.31
N PRO A 143 -20.95 -6.93 34.19
CA PRO A 143 -20.36 -8.14 33.60
C PRO A 143 -20.15 -8.06 32.09
N GLY A 144 -19.47 -9.06 31.53
CA GLY A 144 -19.06 -9.01 30.15
C GLY A 144 -20.10 -9.53 29.17
N ALA A 145 -21.30 -8.99 29.25
CA ALA A 145 -22.37 -9.34 28.33
C ALA A 145 -23.10 -8.06 27.94
N VAL A 146 -23.24 -7.85 26.63
N VAL A 146 -23.18 -7.79 26.63
CA VAL A 146 -23.88 -6.64 26.12
CA VAL A 146 -23.89 -6.64 26.11
C VAL A 146 -24.56 -6.99 24.80
C VAL A 146 -24.60 -7.04 24.82
N THR A 147 -25.62 -6.26 24.49
CA THR A 147 -26.31 -6.41 23.21
C THR A 147 -26.23 -5.09 22.47
N VAL A 148 -26.07 -5.17 21.15
CA VAL A 148 -25.93 -3.98 20.31
C VAL A 148 -27.05 -4.00 19.29
N ALA A 149 -27.73 -2.87 19.14
CA ALA A 149 -28.82 -2.72 18.18
C ALA A 149 -28.57 -1.48 17.35
N TRP A 150 -28.57 -1.64 16.03
CA TRP A 150 -28.38 -0.53 15.11
C TRP A 150 -29.72 -0.07 14.56
N LYS A 151 -29.81 1.24 14.32
CA LYS A 151 -31.01 1.86 13.76
C LYS A 151 -30.63 2.79 12.62
N ALA A 152 -31.41 2.74 11.55
CA ALA A 152 -31.26 3.70 10.45
C ALA A 152 -32.42 4.66 10.68
N ASP A 153 -32.11 5.92 10.96
CA ASP A 153 -33.18 6.83 11.43
C ASP A 153 -33.74 6.14 12.67
N SER A 154 -34.98 5.62 12.65
CA SER A 154 -35.47 4.88 13.84
C SER A 154 -35.88 3.44 13.49
N SER A 155 -35.39 2.91 12.38
CA SER A 155 -35.75 1.57 11.94
C SER A 155 -34.61 0.59 12.23
N PRO A 156 -34.91 -0.59 12.77
CA PRO A 156 -33.83 -1.54 13.07
C PRO A 156 -33.08 -1.98 11.82
N VAL A 157 -31.76 -2.11 11.95
CA VAL A 157 -30.90 -2.65 10.89
C VAL A 157 -30.24 -3.91 11.43
N LYS A 158 -30.46 -5.03 10.76
CA LYS A 158 -29.86 -6.29 11.16
C LYS A 158 -28.79 -6.79 10.22
N ALA A 159 -28.86 -6.46 8.94
CA ALA A 159 -27.88 -6.94 7.99
C ALA A 159 -26.63 -6.07 8.03
N GLY A 160 -25.48 -6.71 7.75
CA GLY A 160 -24.23 -5.98 7.69
C GLY A 160 -23.62 -5.65 9.02
N VAL A 161 -24.06 -6.30 10.10
CA VAL A 161 -23.61 -6.02 11.46
C VAL A 161 -22.60 -7.09 11.86
N GLU A 162 -21.47 -6.64 12.39
CA GLU A 162 -20.42 -7.56 12.88
C GLU A 162 -20.05 -7.09 14.29
N THR A 163 -20.23 -7.96 15.27
CA THR A 163 -20.02 -7.60 16.66
C THR A 163 -19.08 -8.59 17.32
N THR A 164 -18.12 -8.09 18.10
CA THR A 164 -17.17 -8.97 18.74
C THR A 164 -17.78 -9.57 20.00
N THR A 165 -17.16 -10.64 20.47
CA THR A 165 -17.48 -11.16 21.79
C THR A 165 -16.72 -10.36 22.84
N PRO A 166 -17.39 -9.87 23.88
CA PRO A 166 -16.70 -9.02 24.85
C PRO A 166 -15.44 -9.71 25.38
N SER A 167 -14.40 -8.90 25.60
CA SER A 167 -13.08 -9.38 25.98
C SER A 167 -12.53 -8.49 27.10
N LYS A 168 -11.82 -9.10 28.04
CA LYS A 168 -11.40 -8.40 29.24
C LYS A 168 -10.23 -7.47 28.94
N GLN A 169 -10.31 -6.23 29.44
CA GLN A 169 -9.25 -5.25 29.29
C GLN A 169 -8.22 -5.41 30.41
N SER A 170 -7.13 -4.64 30.33
CA SER A 170 -6.06 -4.69 31.32
C SER A 170 -6.45 -4.02 32.65
N ASN A 171 -7.68 -3.55 32.79
CA ASN A 171 -8.19 -3.04 34.06
C ASN A 171 -9.33 -3.90 34.60
N ASN A 172 -9.54 -5.08 34.01
CA ASN A 172 -10.44 -6.13 34.45
C ASN A 172 -11.88 -5.83 34.05
N LYS A 173 -12.15 -4.75 33.34
CA LYS A 173 -13.44 -4.52 32.73
C LYS A 173 -13.42 -5.04 31.30
N TYR A 174 -14.60 -5.08 30.67
CA TYR A 174 -14.74 -5.70 29.36
C TYR A 174 -14.83 -4.64 28.26
N ALA A 175 -14.44 -5.05 27.05
CA ALA A 175 -14.53 -4.20 25.87
C ALA A 175 -15.17 -4.99 24.73
N ALA A 176 -15.86 -4.28 23.83
CA ALA A 176 -16.47 -4.91 22.67
C ALA A 176 -16.60 -3.87 21.57
N SER A 177 -16.83 -4.35 20.36
CA SER A 177 -16.99 -3.41 19.26
C SER A 177 -17.97 -3.99 18.25
N SER A 178 -18.64 -3.10 17.53
CA SER A 178 -19.62 -3.51 16.54
C SER A 178 -19.45 -2.64 15.31
N TYR A 179 -19.48 -3.28 14.15
CA TYR A 179 -19.27 -2.60 12.88
C TYR A 179 -20.51 -2.77 12.02
N LEU A 180 -20.97 -1.67 11.43
CA LEU A 180 -22.09 -1.70 10.50
C LEU A 180 -21.58 -1.28 9.13
N SER A 181 -21.68 -2.18 8.16
CA SER A 181 -21.31 -1.88 6.78
C SER A 181 -22.52 -1.38 6.02
N LEU A 182 -22.32 -0.29 5.27
CA LEU A 182 -23.37 0.34 4.48
C LEU A 182 -22.81 0.68 3.10
N THR A 183 -23.70 0.87 2.14
CA THR A 183 -23.21 1.53 0.94
C THR A 183 -23.19 3.04 1.18
N PRO A 184 -22.35 3.77 0.46
CA PRO A 184 -22.38 5.24 0.59
C PRO A 184 -23.76 5.82 0.29
N GLU A 185 -24.53 5.19 -0.59
CA GLU A 185 -25.88 5.67 -0.88
C GLU A 185 -26.77 5.52 0.34
N GLN A 186 -26.76 4.34 0.97
CA GLN A 186 -27.49 4.15 2.21
C GLN A 186 -27.10 5.19 3.24
N TRP A 187 -25.80 5.40 3.41
CA TRP A 187 -25.35 6.33 4.44
C TRP A 187 -25.89 7.73 4.17
N LYS A 188 -25.85 8.19 2.92
CA LYS A 188 -26.30 9.55 2.62
C LYS A 188 -27.82 9.68 2.55
N SER A 189 -28.52 8.58 2.32
CA SER A 189 -30.00 8.62 2.15
C SER A 189 -30.72 8.93 3.47
N HIS A 190 -30.25 8.40 4.59
CA HIS A 190 -30.94 8.52 5.86
C HIS A 190 -30.48 9.75 6.64
N ARG A 191 -31.33 10.17 7.58
CA ARG A 191 -31.01 11.36 8.36
C ARG A 191 -29.93 11.05 9.40
N SER A 192 -29.90 9.84 9.93
CA SER A 192 -28.87 9.47 10.89
C SER A 192 -28.89 7.96 11.09
N TYR A 193 -27.83 7.46 11.74
CA TYR A 193 -27.74 6.08 12.20
C TYR A 193 -27.38 6.09 13.67
N SER A 194 -27.89 5.10 14.40
CA SER A 194 -27.64 5.00 15.82
C SER A 194 -27.13 3.61 16.19
N CYS A 195 -26.32 3.58 17.24
CA CYS A 195 -25.87 2.38 17.92
C CYS A 195 -26.47 2.39 19.32
N GLN A 196 -27.28 1.38 19.63
CA GLN A 196 -27.92 1.25 20.95
C GLN A 196 -27.27 0.10 21.71
N VAL A 197 -26.64 0.40 22.85
CA VAL A 197 -25.92 -0.61 23.60
C VAL A 197 -26.69 -0.88 24.89
N THR A 198 -27.11 -2.13 25.09
CA THR A 198 -27.86 -2.52 26.27
C THR A 198 -27.00 -3.39 27.18
N HIS A 199 -27.05 -3.10 28.47
CA HIS A 199 -26.20 -3.75 29.45
C HIS A 199 -26.98 -3.79 30.75
N GLU A 200 -27.27 -5.00 31.23
CA GLU A 200 -28.02 -5.19 32.48
C GLU A 200 -29.30 -4.35 32.50
N GLY A 201 -30.03 -4.39 31.38
CA GLY A 201 -31.31 -3.71 31.27
C GLY A 201 -31.25 -2.21 31.06
N SER A 202 -30.06 -1.62 30.99
CA SER A 202 -29.89 -0.19 30.79
C SER A 202 -29.36 0.02 29.37
N THR A 203 -29.67 1.15 28.76
CA THR A 203 -29.29 1.39 27.37
C THR A 203 -28.56 2.71 27.23
N VAL A 204 -27.55 2.73 26.36
CA VAL A 204 -26.86 3.94 25.96
C VAL A 204 -26.90 4.00 24.44
N GLU A 205 -27.19 5.17 23.88
CA GLU A 205 -27.41 5.33 22.45
C GLU A 205 -26.55 6.48 21.93
N LYS A 206 -25.85 6.24 20.82
CA LYS A 206 -25.09 7.27 20.14
C LYS A 206 -25.59 7.37 18.70
N THR A 207 -25.56 8.58 18.15
CA THR A 207 -26.09 8.84 16.82
C THR A 207 -25.07 9.61 16.00
N VAL A 208 -24.98 9.29 14.71
CA VAL A 208 -24.12 10.03 13.79
C VAL A 208 -24.92 10.33 12.52
N ALA A 209 -24.46 11.33 11.78
CA ALA A 209 -25.20 11.77 10.61
C ALA A 209 -24.21 12.23 9.55
N PRO A 210 -24.58 12.14 8.27
CA PRO A 210 -23.69 12.60 7.20
C PRO A 210 -23.27 14.05 7.38
N THR A 211 -22.04 14.35 6.97
CA THR A 211 -21.51 15.71 7.12
C THR A 211 -22.17 16.68 6.14
N GLU B 3 -3.59 38.43 -33.21
CA GLU B 3 -3.22 37.83 -31.93
C GLU B 3 -4.46 37.49 -31.10
N LEU B 4 -4.53 36.26 -30.61
CA LEU B 4 -5.59 35.81 -29.73
C LEU B 4 -5.10 35.78 -28.30
N THR B 5 -5.85 36.40 -27.40
CA THR B 5 -5.50 36.46 -25.99
C THR B 5 -6.46 35.62 -25.18
N GLN B 6 -5.92 34.62 -24.47
CA GLN B 6 -6.68 33.87 -23.49
C GLN B 6 -5.86 33.80 -22.21
N PRO B 7 -6.51 33.65 -21.05
CA PRO B 7 -5.78 33.67 -19.79
C PRO B 7 -4.92 32.43 -19.66
N PRO B 8 -3.74 32.56 -19.02
CA PRO B 8 -2.88 31.37 -18.83
C PRO B 8 -3.52 30.28 -18.00
N SER B 9 -4.35 30.64 -17.04
CA SER B 9 -4.91 29.66 -16.13
C SER B 9 -6.30 30.09 -15.68
N VAL B 10 -7.12 29.08 -15.40
CA VAL B 10 -8.45 29.26 -14.81
C VAL B 10 -8.66 28.09 -13.86
N SER B 11 -9.14 28.37 -12.65
CA SER B 11 -9.39 27.29 -11.71
C SER B 11 -10.82 27.40 -11.20
N VAL B 12 -11.42 26.24 -10.94
CA VAL B 12 -12.79 26.13 -10.45
C VAL B 12 -12.87 24.92 -9.52
N SER B 13 -13.96 24.86 -8.75
CA SER B 13 -14.29 23.73 -7.91
C SER B 13 -15.15 22.73 -8.67
N PRO B 14 -15.11 21.46 -8.28
CA PRO B 14 -15.95 20.46 -8.98
C PRO B 14 -17.41 20.86 -8.92
N GLY B 15 -18.12 20.62 -10.03
CA GLY B 15 -19.52 20.99 -10.13
C GLY B 15 -19.76 22.44 -10.49
N GLN B 16 -18.76 23.31 -10.36
CA GLN B 16 -18.90 24.69 -10.75
C GLN B 16 -18.88 24.82 -12.27
N THR B 17 -19.22 26.03 -12.74
CA THR B 17 -19.17 26.35 -14.16
C THR B 17 -17.88 27.10 -14.45
N ALA B 18 -17.07 26.57 -15.35
CA ALA B 18 -15.83 27.22 -15.76
C ALA B 18 -16.07 27.99 -17.05
N ARG B 19 -15.43 29.15 -17.16
CA ARG B 19 -15.52 29.95 -18.38
C ARG B 19 -14.11 30.41 -18.75
N ILE B 20 -13.78 30.26 -20.03
CA ILE B 20 -12.49 30.66 -20.58
C ILE B 20 -12.77 31.55 -21.77
N THR B 21 -12.20 32.75 -21.76
CA THR B 21 -12.42 33.68 -22.87
C THR B 21 -11.22 33.69 -23.78
N CYS B 22 -11.48 34.08 -25.02
CA CYS B 22 -10.43 34.28 -26.01
C CYS B 22 -10.83 35.53 -26.78
N SER B 23 -9.92 36.48 -26.91
N SER B 23 -9.93 36.48 -26.85
CA SER B 23 -10.24 37.74 -27.54
CA SER B 23 -10.26 37.77 -27.49
C SER B 23 -9.29 38.04 -28.67
C SER B 23 -9.29 38.10 -28.64
N GLY B 24 -9.82 38.62 -29.74
CA GLY B 24 -9.01 38.92 -30.90
C GLY B 24 -9.82 39.56 -32.00
N ASP B 25 -9.19 40.47 -32.75
CA ASP B 25 -9.89 41.22 -33.78
C ASP B 25 -10.47 40.33 -34.88
N THR B 26 -9.88 39.16 -35.14
CA THR B 26 -10.32 38.32 -36.25
C THR B 26 -11.52 37.44 -35.92
N LEU B 27 -11.96 37.37 -34.66
CA LEU B 27 -13.00 36.42 -34.32
C LEU B 27 -14.33 36.70 -35.00
N PRO B 28 -14.77 37.95 -35.17
CA PRO B 28 -16.02 38.16 -35.93
C PRO B 28 -16.02 37.54 -37.31
N LYS B 29 -14.95 37.77 -38.09
CA LYS B 29 -14.93 37.31 -39.47
C LYS B 29 -14.45 35.86 -39.62
N ARG B 30 -13.44 35.47 -38.85
CA ARG B 30 -12.79 34.17 -39.01
C ARG B 30 -13.28 33.11 -38.01
N SER B 31 -14.10 33.51 -37.05
CA SER B 31 -14.65 32.64 -36.02
C SER B 31 -13.60 32.05 -35.08
N GLY B 32 -14.09 31.35 -34.08
CA GLY B 32 -13.24 30.77 -33.07
C GLY B 32 -13.55 29.30 -32.90
N TYR B 33 -12.51 28.54 -32.61
CA TYR B 33 -12.57 27.10 -32.46
C TYR B 33 -11.80 26.78 -31.19
N TRP B 34 -12.32 25.85 -30.39
CA TRP B 34 -11.68 25.48 -29.13
C TRP B 34 -11.22 24.03 -29.17
N TYR B 35 -10.00 23.81 -28.67
CA TYR B 35 -9.43 22.47 -28.57
C TYR B 35 -9.08 22.16 -27.13
N GLN B 36 -9.33 20.92 -26.72
CA GLN B 36 -8.91 20.43 -25.43
C GLN B 36 -7.69 19.56 -25.63
N GLN B 37 -6.69 19.71 -24.77
CA GLN B 37 -5.51 18.85 -24.88
C GLN B 37 -5.09 18.36 -23.51
N LYS B 38 -5.13 17.04 -23.34
CA LYS B 38 -4.66 16.36 -22.13
C LYS B 38 -3.21 15.94 -22.29
N PRO B 39 -2.54 15.63 -21.18
CA PRO B 39 -1.14 15.23 -21.27
C PRO B 39 -0.92 14.07 -22.23
N ASP B 40 0.10 14.19 -23.08
CA ASP B 40 0.54 13.11 -23.98
C ASP B 40 -0.53 12.73 -24.99
N GLN B 41 -1.43 13.66 -25.32
CA GLN B 41 -2.48 13.42 -26.29
C GLN B 41 -2.52 14.56 -27.29
N ALA B 42 -3.05 14.27 -28.47
CA ALA B 42 -3.31 15.31 -29.44
C ALA B 42 -4.46 16.20 -28.99
N PRO B 43 -4.50 17.43 -29.49
CA PRO B 43 -5.67 18.29 -29.27
C PRO B 43 -6.93 17.65 -29.82
N LEU B 44 -8.06 18.00 -29.21
CA LEU B 44 -9.36 17.49 -29.56
C LEU B 44 -10.33 18.67 -29.71
N LEU B 45 -11.02 18.74 -30.84
CA LEU B 45 -11.95 19.85 -31.06
C LEU B 45 -13.17 19.69 -30.16
N VAL B 46 -13.43 20.68 -29.32
CA VAL B 46 -14.59 20.63 -28.43
C VAL B 46 -15.63 21.71 -28.75
N ILE B 47 -15.28 22.80 -29.44
CA ILE B 47 -16.28 23.73 -29.92
C ILE B 47 -15.90 24.16 -31.32
N ASN B 48 -16.85 24.00 -32.22
CA ASN B 48 -16.61 24.29 -33.65
C ASN B 48 -17.36 25.57 -34.07
N LYS B 49 -16.65 26.52 -34.64
CA LYS B 49 -17.25 27.78 -35.12
C LYS B 49 -18.07 28.49 -34.02
N ASP B 50 -17.40 28.85 -32.93
CA ASP B 50 -18.00 29.69 -31.88
C ASP B 50 -18.99 28.96 -30.98
N THR B 51 -19.90 28.18 -31.56
CA THR B 51 -21.00 27.64 -30.74
C THR B 51 -21.40 26.18 -30.98
N GLU B 52 -20.87 25.52 -32.01
CA GLU B 52 -21.35 24.18 -32.30
C GLU B 52 -20.57 23.14 -31.50
N ARG B 53 -21.29 22.15 -31.01
N ARG B 53 -21.29 22.15 -31.01
CA ARG B 53 -20.61 21.09 -30.23
CA ARG B 53 -20.61 21.09 -30.23
C ARG B 53 -20.42 19.88 -31.14
C ARG B 53 -20.42 19.88 -31.14
N PRO B 54 -19.19 19.36 -31.31
CA PRO B 54 -19.00 18.22 -32.16
C PRO B 54 -19.68 16.97 -31.57
N SER B 55 -20.04 16.05 -32.44
CA SER B 55 -20.61 14.76 -31.97
C SER B 55 -19.58 14.09 -31.06
N GLY B 56 -20.04 13.53 -29.96
CA GLY B 56 -19.14 12.89 -29.03
C GLY B 56 -18.66 13.77 -27.90
N ILE B 57 -18.80 15.08 -28.01
CA ILE B 57 -18.40 15.99 -26.94
C ILE B 57 -19.54 16.09 -25.93
N PRO B 58 -19.24 16.00 -24.63
CA PRO B 58 -20.31 16.03 -23.62
C PRO B 58 -21.12 17.33 -23.66
N GLU B 59 -22.40 17.21 -23.30
CA GLU B 59 -23.30 18.35 -23.38
C GLU B 59 -22.86 19.52 -22.51
N ARG B 60 -22.09 19.27 -21.45
CA ARG B 60 -21.68 20.35 -20.56
C ARG B 60 -20.72 21.34 -21.21
N PHE B 61 -20.18 21.03 -22.38
CA PHE B 61 -19.37 21.99 -23.14
C PHE B 61 -20.25 22.83 -24.04
N SER B 62 -20.06 24.13 -23.99
CA SER B 62 -20.80 25.04 -24.86
C SER B 62 -19.94 26.26 -25.18
N GLY B 63 -20.30 26.92 -26.27
CA GLY B 63 -19.54 28.11 -26.67
C GLY B 63 -20.44 29.30 -26.99
N SER B 64 -19.89 30.48 -26.85
CA SER B 64 -20.62 31.71 -27.21
C SER B 64 -19.65 32.70 -27.83
N LYS B 65 -20.20 33.65 -28.58
CA LYS B 65 -19.41 34.72 -29.20
C LYS B 65 -20.06 36.07 -28.88
N SER B 66 -19.23 37.04 -28.57
CA SER B 66 -19.61 38.44 -28.37
C SER B 66 -18.59 39.26 -29.17
N GLY B 67 -18.76 39.26 -30.48
CA GLY B 67 -17.85 40.02 -31.35
C GLY B 67 -16.44 39.52 -31.25
N THR B 68 -15.55 40.36 -30.73
CA THR B 68 -14.12 40.04 -30.66
C THR B 68 -13.75 39.18 -29.45
N THR B 69 -14.73 38.62 -28.74
CA THR B 69 -14.48 37.66 -27.66
C THR B 69 -15.34 36.43 -27.89
N VAL B 70 -14.74 35.25 -27.79
CA VAL B 70 -15.51 34.01 -27.72
C VAL B 70 -15.22 33.37 -26.37
N THR B 71 -16.19 32.59 -25.89
CA THR B 71 -16.10 31.99 -24.57
C THR B 71 -16.40 30.50 -24.63
N LEU B 72 -15.58 29.71 -23.96
CA LEU B 72 -15.84 28.30 -23.75
C LEU B 72 -16.38 28.14 -22.34
N THR B 73 -17.55 27.52 -22.22
CA THR B 73 -18.20 27.30 -20.92
C THR B 73 -18.29 25.81 -20.66
N ILE B 74 -17.85 25.38 -19.48
CA ILE B 74 -18.04 24.01 -19.05
C ILE B 74 -18.89 24.05 -17.79
N SER B 75 -20.14 23.62 -17.91
CA SER B 75 -21.02 23.52 -16.76
C SER B 75 -20.75 22.22 -16.00
N GLY B 76 -21.05 22.25 -14.70
CA GLY B 76 -20.77 21.12 -13.83
C GLY B 76 -19.42 20.49 -14.11
N VAL B 77 -18.34 21.26 -13.99
CA VAL B 77 -17.02 20.79 -14.40
C VAL B 77 -16.64 19.55 -13.60
N GLN B 78 -16.12 18.54 -14.30
CA GLN B 78 -15.64 17.31 -13.71
C GLN B 78 -14.12 17.30 -13.68
N ALA B 79 -13.55 16.52 -12.76
CA ALA B 79 -12.10 16.47 -12.66
C ALA B 79 -11.46 16.07 -13.98
N GLU B 80 -12.16 15.29 -14.80
CA GLU B 80 -11.67 14.85 -16.10
C GLU B 80 -11.59 15.99 -17.12
N ASP B 81 -12.15 17.15 -16.82
CA ASP B 81 -12.05 18.31 -17.71
C ASP B 81 -10.76 19.10 -17.51
N GLU B 82 -9.96 18.74 -16.51
CA GLU B 82 -8.63 19.33 -16.36
C GLU B 82 -7.81 19.08 -17.61
N ALA B 83 -7.29 20.16 -18.19
CA ALA B 83 -6.61 20.06 -19.48
C ALA B 83 -6.16 21.45 -19.88
N ASP B 84 -5.39 21.51 -20.96
CA ASP B 84 -5.12 22.77 -21.64
C ASP B 84 -6.18 22.99 -22.70
N TYR B 85 -6.67 24.22 -22.81
CA TYR B 85 -7.65 24.59 -23.82
C TYR B 85 -7.05 25.69 -24.68
N TYR B 86 -7.09 25.49 -26.00
CA TYR B 86 -6.54 26.44 -26.97
C TYR B 86 -7.67 26.98 -27.82
N CYS B 87 -7.60 28.30 -28.05
CA CYS B 87 -8.55 28.90 -29.02
C CYS B 87 -7.80 29.07 -30.34
N GLN B 88 -8.55 29.00 -31.43
CA GLN B 88 -7.92 29.12 -32.75
C GLN B 88 -8.81 29.95 -33.67
N SER B 89 -8.15 30.74 -34.51
CA SER B 89 -8.88 31.53 -35.52
C SER B 89 -7.97 31.61 -36.75
N ALA B 90 -8.12 32.69 -37.48
CA ALA B 90 -7.25 32.91 -38.65
C ALA B 90 -6.98 34.40 -38.77
N ASP B 91 -5.90 34.72 -39.46
CA ASP B 91 -5.54 36.16 -39.56
C ASP B 91 -6.56 36.90 -40.43
N SER B 92 -6.48 38.22 -40.41
CA SER B 92 -7.47 39.04 -41.11
C SER B 92 -7.48 38.75 -42.61
N SER B 93 -6.33 38.39 -43.20
CA SER B 93 -6.30 38.07 -44.63
C SER B 93 -6.67 36.62 -44.94
N PHE B 94 -6.92 35.80 -43.91
CA PHE B 94 -7.18 34.37 -44.08
C PHE B 94 -6.04 33.71 -44.85
N THR B 95 -4.82 34.05 -44.46
CA THR B 95 -3.64 33.37 -44.98
C THR B 95 -3.11 32.32 -44.01
N TYR B 96 -3.14 32.58 -42.71
CA TYR B 96 -2.56 31.68 -41.72
C TYR B 96 -3.52 31.46 -40.56
N PRO B 97 -3.46 30.29 -39.92
CA PRO B 97 -4.21 30.12 -38.68
C PRO B 97 -3.56 30.91 -37.55
N SER B 98 -4.33 31.12 -36.50
CA SER B 98 -3.79 31.71 -35.29
C SER B 98 -4.23 30.87 -34.10
N PHE B 99 -3.33 30.72 -33.15
CA PHE B 99 -3.60 29.98 -31.91
C PHE B 99 -3.41 30.92 -30.73
N GLY B 100 -4.30 30.83 -29.75
CA GLY B 100 -4.02 31.45 -28.47
C GLY B 100 -2.95 30.68 -27.72
N GLY B 101 -2.49 31.25 -26.61
CA GLY B 101 -1.38 30.65 -25.89
C GLY B 101 -1.73 29.47 -25.01
N GLY B 102 -3.00 29.13 -24.94
CA GLY B 102 -3.52 28.05 -24.13
C GLY B 102 -3.90 28.50 -22.74
N THR B 103 -4.95 27.88 -22.20
CA THR B 103 -5.38 28.08 -20.83
C THR B 103 -5.36 26.74 -20.11
N LYS B 104 -4.62 26.66 -19.02
CA LYS B 104 -4.67 25.48 -18.18
C LYS B 104 -5.86 25.58 -17.22
N LEU B 105 -6.82 24.68 -17.36
CA LEU B 105 -7.94 24.59 -16.44
C LEU B 105 -7.59 23.62 -15.31
N THR B 106 -7.57 24.12 -14.09
CA THR B 106 -7.35 23.31 -12.90
C THR B 106 -8.65 23.18 -12.11
N VAL B 107 -8.94 21.97 -11.66
CA VAL B 107 -10.10 21.69 -10.83
C VAL B 107 -9.58 21.49 -9.41
N LEU B 108 -9.81 22.50 -8.57
CA LEU B 108 -9.32 22.48 -7.21
C LEU B 108 -10.30 21.77 -6.28
N GLY B 109 -9.80 21.37 -5.12
CA GLY B 109 -10.67 20.79 -4.11
C GLY B 109 -11.17 19.40 -4.42
N GLN B 110 -10.44 18.63 -5.21
CA GLN B 110 -10.80 17.23 -5.38
C GLN B 110 -10.51 16.45 -4.10
N PRO B 111 -11.12 15.28 -3.94
CA PRO B 111 -10.95 14.53 -2.69
C PRO B 111 -9.52 14.03 -2.52
N LYS B 112 -9.02 14.13 -1.29
CA LYS B 112 -7.70 13.62 -0.97
C LYS B 112 -7.65 12.12 -1.20
N ALA B 113 -6.52 11.64 -1.70
CA ALA B 113 -6.32 10.21 -1.92
C ALA B 113 -4.89 9.84 -1.56
N ALA B 114 -4.73 8.85 -0.66
CA ALA B 114 -3.40 8.45 -0.21
C ALA B 114 -2.71 7.60 -1.28
N PRO B 115 -1.39 7.71 -1.39
CA PRO B 115 -0.67 6.95 -2.42
C PRO B 115 -0.67 5.46 -2.12
N SER B 116 -0.65 4.67 -3.19
CA SER B 116 -0.29 3.26 -3.09
C SER B 116 1.17 3.13 -3.49
N VAL B 117 1.88 2.20 -2.85
CA VAL B 117 3.32 2.09 -3.07
C VAL B 117 3.66 0.65 -3.41
N THR B 118 4.43 0.48 -4.48
CA THR B 118 4.99 -0.82 -4.85
C THR B 118 6.50 -0.67 -4.94
N LEU B 119 7.23 -1.55 -4.25
CA LEU B 119 8.68 -1.48 -4.21
C LEU B 119 9.23 -2.79 -4.75
N PHE B 120 10.08 -2.71 -5.80
CA PHE B 120 10.70 -3.89 -6.35
C PHE B 120 12.18 -3.94 -6.02
N PRO B 121 12.70 -5.12 -5.70
CA PRO B 121 14.15 -5.28 -5.47
C PRO B 121 14.90 -5.39 -6.78
N PRO B 122 16.24 -5.43 -6.73
CA PRO B 122 17.00 -5.63 -7.98
C PRO B 122 16.69 -6.98 -8.62
N SER B 123 16.68 -7.00 -9.95
CA SER B 123 16.52 -8.24 -10.70
C SER B 123 17.83 -9.03 -10.66
N SER B 124 17.69 -10.35 -10.79
CA SER B 124 18.88 -11.21 -10.86
C SER B 124 19.77 -10.79 -12.02
N GLU B 125 19.17 -10.46 -13.16
CA GLU B 125 19.93 -10.09 -14.35
C GLU B 125 20.71 -8.81 -14.13
N GLU B 126 20.15 -7.85 -13.40
CA GLU B 126 20.89 -6.62 -13.14
C GLU B 126 22.07 -6.87 -12.22
N LEU B 127 21.89 -7.69 -11.18
CA LEU B 127 22.98 -7.98 -10.27
C LEU B 127 24.12 -8.69 -10.98
N GLN B 128 23.81 -9.55 -11.96
CA GLN B 128 24.85 -10.16 -12.77
C GLN B 128 25.67 -9.12 -13.53
N ALA B 129 25.04 -8.01 -13.91
CA ALA B 129 25.74 -6.89 -14.54
C ALA B 129 26.45 -6.00 -13.51
N ASN B 130 26.52 -6.45 -12.26
N ASN B 130 26.52 -6.45 -12.26
CA ASN B 130 27.19 -5.72 -11.18
CA ASN B 130 27.19 -5.72 -11.18
C ASN B 130 26.56 -4.35 -10.95
C ASN B 130 26.56 -4.34 -10.97
N LYS B 131 25.23 -4.30 -11.03
CA LYS B 131 24.48 -3.10 -10.71
C LYS B 131 23.28 -3.53 -9.88
N ALA B 132 22.64 -2.55 -9.25
CA ALA B 132 21.45 -2.84 -8.45
C ALA B 132 20.60 -1.59 -8.37
N THR B 133 19.32 -1.72 -8.71
CA THR B 133 18.37 -0.63 -8.66
C THR B 133 17.14 -1.09 -7.90
N LEU B 134 16.72 -0.30 -6.90
CA LEU B 134 15.44 -0.47 -6.26
C LEU B 134 14.44 0.49 -6.87
N VAL B 135 13.22 0.00 -7.11
CA VAL B 135 12.23 0.74 -7.89
C VAL B 135 11.00 0.93 -7.02
N CYS B 136 10.70 2.19 -6.69
CA CYS B 136 9.57 2.54 -5.84
C CYS B 136 8.54 3.26 -6.71
N LEU B 137 7.37 2.65 -6.86
CA LEU B 137 6.32 3.17 -7.73
C LEU B 137 5.17 3.66 -6.87
N ILE B 138 4.76 4.91 -7.07
CA ILE B 138 3.77 5.57 -6.22
C ILE B 138 2.61 5.98 -7.11
N SER B 139 1.40 5.55 -6.77
CA SER B 139 0.29 5.86 -7.66
C SER B 139 -0.97 6.22 -6.87
N ASP B 140 -1.95 6.72 -7.62
CA ASP B 140 -3.30 7.00 -7.13
C ASP B 140 -3.32 7.97 -5.95
N PHE B 141 -2.54 9.04 -6.00
CA PHE B 141 -2.61 10.00 -4.90
C PHE B 141 -3.08 11.38 -5.37
N TYR B 142 -3.60 12.14 -4.42
CA TYR B 142 -4.07 13.49 -4.66
C TYR B 142 -4.14 14.21 -3.32
N PRO B 143 -3.67 15.46 -3.22
CA PRO B 143 -3.09 16.21 -4.34
C PRO B 143 -1.73 15.69 -4.81
N GLY B 144 -1.17 16.33 -5.84
CA GLY B 144 -0.01 15.78 -6.51
C GLY B 144 1.31 16.23 -5.94
N ALA B 145 1.50 16.03 -4.63
CA ALA B 145 2.72 16.40 -3.95
C ALA B 145 3.08 15.28 -2.99
N VAL B 146 4.32 14.81 -3.07
N VAL B 146 4.31 14.77 -3.11
CA VAL B 146 4.79 13.70 -2.24
CA VAL B 146 4.78 13.71 -2.22
C VAL B 146 6.27 13.89 -1.99
C VAL B 146 6.27 13.90 -1.97
N THR B 147 6.76 13.33 -0.88
CA THR B 147 8.18 13.27 -0.58
C THR B 147 8.55 11.81 -0.35
N VAL B 148 9.74 11.43 -0.80
CA VAL B 148 10.19 10.06 -0.77
C VAL B 148 11.48 10.01 0.05
N ALA B 149 11.53 9.09 0.99
CA ALA B 149 12.70 8.86 1.82
C ALA B 149 13.10 7.40 1.70
N TRP B 150 14.39 7.16 1.49
CA TRP B 150 14.92 5.81 1.41
C TRP B 150 15.70 5.49 2.68
N LYS B 151 15.69 4.20 3.04
CA LYS B 151 16.39 3.75 4.25
C LYS B 151 17.13 2.44 3.99
N ALA B 152 18.36 2.34 4.49
CA ALA B 152 19.12 1.08 4.43
C ALA B 152 19.02 0.53 5.83
N ASP B 153 18.30 -0.57 6.00
CA ASP B 153 17.99 -1.04 7.37
C ASP B 153 17.12 0.07 7.98
N SER B 154 17.70 0.85 8.87
CA SER B 154 16.94 1.97 9.48
C SER B 154 17.64 3.31 9.27
N SER B 155 18.69 3.37 8.46
CA SER B 155 19.38 4.66 8.40
C SER B 155 19.12 5.35 7.07
N PRO B 156 18.94 6.68 7.06
CA PRO B 156 18.56 7.37 5.83
C PRO B 156 19.61 7.23 4.74
N VAL B 157 19.13 7.14 3.51
CA VAL B 157 19.98 7.05 2.32
C VAL B 157 19.57 8.18 1.39
N LYS B 158 20.46 9.15 1.20
CA LYS B 158 20.20 10.26 0.30
C LYS B 158 20.92 10.13 -1.04
N ALA B 159 22.06 9.45 -1.06
CA ALA B 159 22.83 9.34 -2.29
C ALA B 159 22.26 8.27 -3.20
N GLY B 160 22.40 8.47 -4.51
CA GLY B 160 21.91 7.53 -5.49
C GLY B 160 20.42 7.52 -5.70
N VAL B 161 19.72 8.58 -5.29
CA VAL B 161 18.27 8.65 -5.38
C VAL B 161 17.87 9.54 -6.55
N GLU B 162 16.94 9.07 -7.37
CA GLU B 162 16.38 9.86 -8.47
C GLU B 162 14.87 9.72 -8.42
N THR B 163 14.16 10.84 -8.28
CA THR B 163 12.71 10.84 -8.10
C THR B 163 12.06 11.75 -9.12
N THR B 164 10.99 11.28 -9.75
CA THR B 164 10.27 12.08 -10.73
C THR B 164 9.39 13.13 -10.04
N THR B 165 9.04 14.16 -10.83
CA THR B 165 7.98 15.04 -10.36
C THR B 165 6.63 14.36 -10.60
N PRO B 166 5.69 14.46 -9.68
CA PRO B 166 4.39 13.80 -9.89
C PRO B 166 3.71 14.33 -11.14
N SER B 167 3.06 13.43 -11.87
CA SER B 167 2.32 13.79 -13.07
C SER B 167 0.97 13.06 -13.07
N LYS B 168 0.02 13.62 -13.81
CA LYS B 168 -1.37 13.18 -13.70
C LYS B 168 -1.60 11.86 -14.43
N GLN B 169 -2.34 10.95 -13.80
CA GLN B 169 -2.77 9.70 -14.40
C GLN B 169 -4.04 9.92 -15.22
N SER B 170 -4.53 8.84 -15.85
CA SER B 170 -5.76 8.93 -16.63
C SER B 170 -6.99 9.04 -15.75
N ASN B 171 -6.95 8.47 -14.54
CA ASN B 171 -8.06 8.56 -13.61
C ASN B 171 -8.01 9.83 -12.76
N ASN B 172 -7.18 10.80 -13.14
CA ASN B 172 -7.08 12.13 -12.55
C ASN B 172 -6.37 12.11 -11.20
N LYS B 173 -5.87 10.97 -10.73
CA LYS B 173 -4.94 10.96 -9.62
C LYS B 173 -3.53 11.13 -10.17
N TYR B 174 -2.53 11.17 -9.28
CA TYR B 174 -1.15 11.40 -9.69
C TYR B 174 -0.30 10.16 -9.48
N ALA B 175 0.83 10.13 -10.18
CA ALA B 175 1.81 9.06 -10.06
C ALA B 175 3.21 9.67 -10.00
N ALA B 176 4.12 8.90 -9.39
CA ALA B 176 5.51 9.29 -9.28
C ALA B 176 6.33 8.02 -9.12
N SER B 177 7.63 8.13 -9.35
CA SER B 177 8.49 6.97 -9.13
C SER B 177 9.82 7.45 -8.56
N SER B 178 10.48 6.57 -7.83
CA SER B 178 11.78 6.93 -7.27
C SER B 178 12.68 5.72 -7.41
N TYR B 179 13.94 5.98 -7.74
CA TYR B 179 14.91 4.93 -8.00
C TYR B 179 16.10 5.09 -7.06
N LEU B 180 16.51 3.99 -6.44
CA LEU B 180 17.69 3.95 -5.60
C LEU B 180 18.74 3.07 -6.27
N SER B 181 19.91 3.64 -6.56
CA SER B 181 21.02 2.89 -7.13
C SER B 181 22.00 2.48 -6.04
N LEU B 182 22.36 1.19 -6.04
CA LEU B 182 23.32 0.64 -5.08
C LEU B 182 24.30 -0.26 -5.81
N THR B 183 25.43 -0.50 -5.16
CA THR B 183 26.28 -1.60 -5.57
C THR B 183 25.63 -2.91 -5.11
N PRO B 184 25.87 -4.01 -5.83
CA PRO B 184 25.39 -5.30 -5.33
C PRO B 184 25.87 -5.62 -3.92
N GLU B 185 27.09 -5.20 -3.54
CA GLU B 185 27.58 -5.48 -2.19
C GLU B 185 26.80 -4.67 -1.15
N GLN B 186 26.44 -3.43 -1.48
CA GLN B 186 25.57 -2.65 -0.60
C GLN B 186 24.24 -3.36 -0.42
N TRP B 187 23.65 -3.82 -1.52
CA TRP B 187 22.34 -4.45 -1.47
C TRP B 187 22.37 -5.70 -0.60
N LYS B 188 23.42 -6.52 -0.71
CA LYS B 188 23.43 -7.78 0.04
C LYS B 188 23.96 -7.65 1.46
N SER B 189 24.67 -6.57 1.77
CA SER B 189 25.28 -6.38 3.08
C SER B 189 24.34 -5.70 4.08
N HIS B 190 23.11 -5.37 3.68
CA HIS B 190 22.12 -4.82 4.57
C HIS B 190 20.93 -5.77 4.69
N ARG B 191 20.27 -5.74 5.84
CA ARG B 191 19.14 -6.64 6.06
C ARG B 191 17.96 -6.28 5.16
N SER B 192 17.81 -5.00 4.82
CA SER B 192 16.69 -4.60 3.99
C SER B 192 16.85 -3.13 3.59
N TYR B 193 16.08 -2.73 2.59
CA TYR B 193 15.93 -1.33 2.21
C TYR B 193 14.44 -1.00 2.18
N SER B 194 14.12 0.25 2.48
CA SER B 194 12.75 0.72 2.56
C SER B 194 12.59 2.00 1.76
N CYS B 195 11.42 2.15 1.15
CA CYS B 195 10.98 3.38 0.51
C CYS B 195 9.83 3.94 1.35
N GLN B 196 9.98 5.16 1.83
CA GLN B 196 8.95 5.79 2.65
C GLN B 196 8.36 6.97 1.92
N VAL B 197 7.05 6.95 1.72
CA VAL B 197 6.36 7.97 0.94
C VAL B 197 5.49 8.78 1.90
N THR B 198 5.72 10.10 1.93
CA THR B 198 4.94 11.01 2.78
C THR B 198 4.02 11.86 1.92
N HIS B 199 2.75 11.89 2.29
CA HIS B 199 1.71 12.56 1.52
C HIS B 199 0.74 13.19 2.51
N GLU B 200 0.59 14.50 2.44
CA GLU B 200 -0.35 15.24 3.30
C GLU B 200 -0.24 14.82 4.76
N GLY B 201 1.00 14.70 5.25
CA GLY B 201 1.23 14.41 6.65
C GLY B 201 1.12 12.96 7.03
N SER B 202 0.77 12.11 6.09
CA SER B 202 0.68 10.65 6.36
C SER B 202 1.76 9.91 5.56
N THR B 203 2.18 8.75 6.04
CA THR B 203 3.28 8.00 5.38
C THR B 203 2.91 6.56 5.03
N VAL B 204 3.53 6.05 3.99
CA VAL B 204 3.32 4.66 3.54
C VAL B 204 4.73 4.13 3.26
N GLU B 205 5.03 2.97 3.81
CA GLU B 205 6.39 2.45 3.69
C GLU B 205 6.40 0.99 3.24
N LYS B 206 7.27 0.71 2.27
CA LYS B 206 7.47 -0.68 1.80
C LYS B 206 8.94 -1.04 2.01
N THR B 207 9.19 -2.32 2.24
CA THR B 207 10.53 -2.83 2.50
C THR B 207 10.82 -4.01 1.59
N VAL B 208 12.07 -4.13 1.14
CA VAL B 208 12.52 -5.29 0.38
C VAL B 208 13.86 -5.75 0.93
N ALA B 209 14.16 -7.03 0.71
CA ALA B 209 15.34 -7.68 1.26
C ALA B 209 15.96 -8.60 0.23
N PRO B 210 17.28 -8.77 0.25
CA PRO B 210 17.91 -9.71 -0.68
C PRO B 210 17.37 -11.12 -0.48
N THR B 211 17.32 -11.87 -1.58
CA THR B 211 16.75 -13.21 -1.58
C THR B 211 17.60 -14.16 -0.73
N GLN C 1 22.02 -11.60 36.97
CA GLN C 1 21.22 -12.77 36.59
C GLN C 1 21.28 -13.05 35.08
N VAL C 2 21.05 -14.32 34.72
CA VAL C 2 21.00 -14.66 33.29
C VAL C 2 19.70 -14.15 32.70
N GLN C 3 19.78 -13.64 31.46
CA GLN C 3 18.65 -13.19 30.69
C GLN C 3 18.68 -13.88 29.34
N LEU C 4 17.51 -14.20 28.80
CA LEU C 4 17.38 -14.84 27.49
C LEU C 4 16.56 -13.94 26.59
N GLN C 5 16.94 -13.84 25.33
CA GLN C 5 16.19 -13.02 24.38
C GLN C 5 16.17 -13.72 23.02
N GLU C 6 14.97 -14.01 22.52
CA GLU C 6 14.81 -14.54 21.18
C GLU C 6 14.89 -13.46 20.10
N SER C 7 15.44 -13.84 18.95
CA SER C 7 15.40 -12.99 17.77
C SER C 7 15.31 -13.86 16.52
N GLY C 8 14.87 -13.25 15.43
CA GLY C 8 14.73 -13.95 14.17
C GLY C 8 13.47 -13.55 13.45
N PRO C 9 13.32 -13.99 12.21
CA PRO C 9 12.20 -13.51 11.37
C PRO C 9 10.86 -13.92 11.95
N GLY C 10 9.91 -12.97 11.95
CA GLY C 10 8.58 -13.21 12.47
C GLY C 10 7.60 -13.77 11.47
N LEU C 11 8.00 -13.86 10.20
CA LEU C 11 7.16 -14.33 9.12
C LEU C 11 7.92 -15.43 8.38
N VAL C 12 7.24 -16.54 8.08
CA VAL C 12 7.81 -17.65 7.34
C VAL C 12 6.83 -18.07 6.26
N LYS C 13 7.37 -18.42 5.06
CA LYS C 13 6.47 -18.92 4.03
C LYS C 13 6.17 -20.40 4.27
N PRO C 14 5.02 -20.88 3.80
CA PRO C 14 4.71 -22.30 3.97
C PRO C 14 5.77 -23.17 3.31
N SER C 15 6.13 -24.26 3.99
CA SER C 15 7.20 -25.17 3.62
C SER C 15 8.59 -24.57 3.79
N GLY C 16 8.70 -23.32 4.23
CA GLY C 16 9.98 -22.71 4.51
C GLY C 16 10.54 -23.19 5.84
N THR C 17 11.59 -22.52 6.30
CA THR C 17 12.25 -22.89 7.55
C THR C 17 12.18 -21.74 8.54
N LEU C 18 11.61 -22.01 9.69
CA LEU C 18 11.64 -21.08 10.81
C LEU C 18 13.04 -21.11 11.44
N SER C 19 13.56 -19.93 11.78
N SER C 19 13.57 -19.93 11.73
CA SER C 19 14.90 -19.83 12.34
CA SER C 19 14.90 -19.81 12.32
C SER C 19 14.92 -18.78 13.42
C SER C 19 14.85 -18.79 13.44
N LEU C 20 15.24 -19.19 14.64
CA LEU C 20 15.27 -18.28 15.77
C LEU C 20 16.59 -18.45 16.51
N THR C 21 17.02 -17.39 17.17
CA THR C 21 18.24 -17.47 17.98
C THR C 21 17.93 -16.97 19.38
N CYS C 22 18.50 -17.63 20.38
CA CYS C 22 18.38 -17.17 21.76
C CYS C 22 19.74 -16.65 22.18
N THR C 23 19.80 -15.37 22.51
CA THR C 23 21.03 -14.77 23.03
C THR C 23 20.99 -14.86 24.56
N VAL C 24 21.99 -15.51 25.12
CA VAL C 24 22.13 -15.64 26.56
C VAL C 24 23.07 -14.55 27.04
N SER C 25 22.63 -13.75 28.01
CA SER C 25 23.47 -12.72 28.61
C SER C 25 23.52 -12.94 30.10
N GLY C 26 24.63 -12.52 30.72
CA GLY C 26 24.77 -12.60 32.17
C GLY C 26 25.23 -13.93 32.70
N GLY C 27 25.57 -14.87 31.84
CA GLY C 27 26.03 -16.19 32.21
C GLY C 27 26.45 -16.92 30.96
N PHE C 28 27.04 -18.09 31.16
CA PHE C 28 27.62 -18.86 30.08
C PHE C 28 26.69 -19.98 29.61
N ILE C 29 26.70 -20.23 28.30
CA ILE C 29 26.02 -21.39 27.74
C ILE C 29 26.54 -22.65 28.42
N SER C 30 27.86 -22.71 28.63
CA SER C 30 28.47 -23.82 29.36
C SER C 30 28.00 -23.81 30.81
N SER C 31 27.22 -24.80 31.20
CA SER C 31 26.80 -24.92 32.59
C SER C 31 26.07 -26.24 32.72
N ARG C 32 25.61 -26.55 33.93
CA ARG C 32 24.89 -27.80 34.13
C ARG C 32 23.47 -27.74 33.59
N ASN C 33 23.00 -26.58 33.17
CA ASN C 33 21.63 -26.47 32.68
C ASN C 33 21.52 -27.03 31.28
N TRP C 34 20.30 -27.33 30.88
CA TRP C 34 20.00 -27.55 29.47
C TRP C 34 19.21 -26.36 28.94
N TRP C 35 19.25 -26.20 27.63
CA TRP C 35 18.65 -25.05 26.96
C TRP C 35 17.56 -25.56 26.03
N SER C 36 16.41 -24.90 26.06
N SER C 36 16.41 -24.91 26.02
CA SER C 36 15.20 -25.44 25.46
CA SER C 36 15.28 -25.49 25.33
C SER C 36 14.45 -24.42 24.61
C SER C 36 14.46 -24.43 24.62
N TRP C 37 13.59 -24.93 23.74
CA TRP C 37 12.61 -24.14 23.02
C TRP C 37 11.22 -24.70 23.34
N VAL C 38 10.29 -23.80 23.65
CA VAL C 38 8.90 -24.13 23.97
C VAL C 38 8.04 -23.20 23.13
N ARG C 39 6.93 -23.70 22.60
CA ARG C 39 6.05 -22.83 21.83
C ARG C 39 4.62 -22.90 22.33
N GLN C 40 3.84 -21.91 21.91
CA GLN C 40 2.47 -21.74 22.38
C GLN C 40 1.65 -21.08 21.28
N PRO C 41 0.88 -21.85 20.53
CA PRO C 41 -0.01 -21.24 19.54
C PRO C 41 -0.97 -20.29 20.22
N PRO C 42 -1.38 -19.22 19.56
CA PRO C 42 -2.29 -18.25 20.19
C PRO C 42 -3.49 -18.96 20.81
N GLY C 43 -3.72 -18.68 22.08
CA GLY C 43 -4.87 -19.23 22.78
C GLY C 43 -4.75 -20.69 23.20
N LYS C 44 -3.60 -21.31 22.98
CA LYS C 44 -3.43 -22.74 23.26
C LYS C 44 -2.40 -22.94 24.37
N GLY C 45 -2.09 -24.20 24.65
CA GLY C 45 -1.20 -24.55 25.72
C GLY C 45 0.25 -24.59 25.27
N LEU C 46 1.13 -24.89 26.23
CA LEU C 46 2.55 -24.97 25.95
C LEU C 46 2.91 -26.31 25.32
N GLU C 47 3.86 -26.27 24.38
CA GLU C 47 4.38 -27.48 23.75
C GLU C 47 5.89 -27.38 23.68
N TRP C 48 6.58 -28.35 24.27
CA TRP C 48 8.04 -28.35 24.27
C TRP C 48 8.53 -28.83 22.91
N ILE C 49 9.55 -28.15 22.39
CA ILE C 49 10.12 -28.52 21.09
C ILE C 49 11.34 -29.41 21.25
N GLY C 50 12.24 -29.06 22.17
CA GLY C 50 13.47 -29.83 22.35
C GLY C 50 14.44 -29.09 23.26
N GLU C 51 15.57 -29.75 23.51
CA GLU C 51 16.56 -29.26 24.44
C GLU C 51 17.95 -29.59 23.87
N VAL C 52 18.92 -28.81 24.31
CA VAL C 52 20.32 -29.01 23.91
C VAL C 52 21.21 -28.76 25.13
N TYR C 53 22.28 -29.56 25.26
CA TYR C 53 23.32 -29.38 26.24
C TYR C 53 24.46 -28.58 25.61
N HIS C 54 25.30 -27.98 26.46
CA HIS C 54 26.31 -27.08 25.89
C HIS C 54 27.30 -27.82 24.99
N THR C 55 27.46 -29.14 25.17
CA THR C 55 28.35 -29.91 24.32
C THR C 55 27.74 -30.21 22.95
N GLY C 56 26.45 -29.92 22.78
CA GLY C 56 25.79 -30.13 21.51
C GLY C 56 24.78 -31.27 21.51
N ILE C 57 24.78 -32.12 22.54
CA ILE C 57 23.81 -33.20 22.61
C ILE C 57 22.38 -32.64 22.56
N THR C 58 21.53 -33.27 21.76
CA THR C 58 20.18 -32.77 21.55
C THR C 58 19.16 -33.84 21.87
N ASN C 59 17.93 -33.38 22.10
CA ASN C 59 16.83 -34.29 22.39
C ASN C 59 15.53 -33.57 22.05
N TYR C 60 14.75 -34.12 21.11
CA TYR C 60 13.61 -33.40 20.55
C TYR C 60 12.29 -34.10 20.83
N ASN C 61 11.22 -33.31 20.75
CA ASN C 61 9.87 -33.82 20.82
C ASN C 61 9.67 -34.80 19.66
N PRO C 62 9.34 -36.06 19.94
CA PRO C 62 9.23 -37.04 18.83
C PRO C 62 8.20 -36.66 17.78
N SER C 63 7.18 -35.88 18.13
CA SER C 63 6.18 -35.50 17.14
C SER C 63 6.71 -34.47 16.14
N LEU C 64 7.84 -33.83 16.44
CA LEU C 64 8.47 -32.83 15.60
C LEU C 64 9.84 -33.25 15.12
N LYS C 65 10.33 -34.41 15.56
CA LYS C 65 11.78 -34.66 15.61
C LYS C 65 12.43 -34.63 14.25
N SER C 66 11.69 -34.91 13.17
CA SER C 66 12.30 -34.89 11.85
C SER C 66 12.53 -33.48 11.32
N ARG C 67 11.85 -32.47 11.86
CA ARG C 67 11.90 -31.11 11.32
C ARG C 67 12.70 -30.15 12.18
N VAL C 68 13.22 -30.60 13.32
CA VAL C 68 13.83 -29.75 14.34
C VAL C 68 15.34 -29.82 14.28
N THR C 69 16.00 -28.67 14.37
CA THR C 69 17.44 -28.59 14.59
C THR C 69 17.65 -27.59 15.71
N ILE C 70 18.32 -28.01 16.79
CA ILE C 70 18.73 -27.10 17.85
C ILE C 70 20.24 -27.15 17.94
N SER C 71 20.88 -25.97 17.92
CA SER C 71 22.33 -25.87 17.89
C SER C 71 22.78 -24.91 18.99
N VAL C 72 24.06 -25.03 19.36
CA VAL C 72 24.66 -24.12 20.33
C VAL C 72 25.87 -23.48 19.67
N ASP C 73 26.16 -22.23 20.04
CA ASP C 73 27.36 -21.55 19.57
C ASP C 73 27.95 -20.80 20.76
N LYS C 74 28.91 -21.44 21.43
CA LYS C 74 29.53 -20.85 22.61
C LYS C 74 30.33 -19.58 22.29
N SER C 75 30.85 -19.40 21.08
CA SER C 75 31.59 -18.18 20.82
C SER C 75 30.68 -16.96 20.89
N LYS C 76 29.42 -17.15 20.53
CA LYS C 76 28.45 -16.05 20.56
C LYS C 76 27.58 -16.14 21.81
N ASN C 77 27.71 -17.22 22.61
CA ASN C 77 26.88 -17.45 23.78
C ASN C 77 25.39 -17.44 23.41
N GLN C 78 25.05 -18.29 22.45
CA GLN C 78 23.69 -18.35 21.92
C GLN C 78 23.36 -19.81 21.63
N PHE C 79 22.05 -20.09 21.52
CA PHE C 79 21.58 -21.35 20.97
C PHE C 79 20.41 -21.02 20.05
N SER C 80 20.15 -21.90 19.08
N SER C 80 20.13 -21.91 19.11
CA SER C 80 19.23 -21.58 18.01
CA SER C 80 19.21 -21.58 18.03
C SER C 80 18.31 -22.75 17.69
C SER C 80 18.31 -22.75 17.69
N LEU C 81 17.21 -22.41 17.02
CA LEU C 81 16.18 -23.37 16.60
C LEU C 81 15.96 -23.19 15.11
N LYS C 82 15.93 -24.30 14.38
CA LYS C 82 15.45 -24.32 13.00
C LYS C 82 14.32 -25.35 12.94
N LEU C 83 13.22 -24.96 12.32
CA LEU C 83 12.06 -25.82 12.16
C LEU C 83 11.70 -25.82 10.68
N SER C 84 11.90 -26.95 10.03
CA SER C 84 11.75 -27.03 8.58
C SER C 84 10.33 -27.44 8.19
N SER C 85 10.03 -27.29 6.89
CA SER C 85 8.75 -27.64 6.29
C SER C 85 7.56 -27.17 7.14
N VAL C 86 7.53 -25.87 7.44
CA VAL C 86 6.51 -25.33 8.34
C VAL C 86 5.13 -25.33 7.67
N THR C 87 4.08 -25.43 8.49
CA THR C 87 2.69 -25.26 8.07
C THR C 87 2.02 -24.27 9.02
N ALA C 88 0.72 -24.04 8.80
CA ALA C 88 -0.02 -23.15 9.70
C ALA C 88 0.00 -23.64 11.14
N ALA C 89 0.16 -24.95 11.35
CA ALA C 89 0.22 -25.46 12.71
C ALA C 89 1.43 -24.93 13.48
N ASP C 90 2.40 -24.35 12.78
CA ASP C 90 3.62 -23.90 13.44
C ASP C 90 3.57 -22.42 13.83
N THR C 91 2.52 -21.71 13.46
CA THR C 91 2.30 -20.35 13.95
C THR C 91 2.14 -20.39 15.47
N ALA C 92 2.98 -19.65 16.18
CA ALA C 92 2.97 -19.68 17.63
C ALA C 92 3.92 -18.64 18.17
N VAL C 93 3.81 -18.38 19.46
CA VAL C 93 4.86 -17.69 20.19
C VAL C 93 5.91 -18.71 20.59
N TYR C 94 7.16 -18.41 20.24
CA TYR C 94 8.29 -19.29 20.59
C TYR C 94 9.09 -18.69 21.74
N TYR C 95 9.32 -19.53 22.75
CA TYR C 95 10.11 -19.09 23.91
C TYR C 95 11.40 -19.90 24.02
N CYS C 96 12.49 -19.21 24.32
CA CYS C 96 13.69 -19.97 24.70
C CYS C 96 13.62 -20.10 26.22
N ALA C 97 14.21 -21.15 26.74
CA ALA C 97 14.09 -21.38 28.17
C ALA C 97 15.27 -22.16 28.69
N ARG C 98 15.56 -21.96 29.95
CA ARG C 98 16.62 -22.71 30.62
C ARG C 98 16.00 -23.79 31.47
N GLU C 99 16.53 -25.01 31.37
CA GLU C 99 16.05 -26.14 32.16
C GLU C 99 17.03 -26.46 33.26
N VAL C 100 16.49 -26.83 34.41
CA VAL C 100 17.23 -27.39 35.53
C VAL C 100 16.95 -28.88 35.52
N VAL C 101 17.99 -29.68 35.33
CA VAL C 101 17.85 -31.10 35.08
C VAL C 101 18.61 -31.84 36.18
N GLY C 102 17.92 -32.70 36.91
CA GLY C 102 18.55 -33.56 37.87
C GLY C 102 18.54 -34.99 37.37
N PRO C 103 18.99 -35.91 38.21
CA PRO C 103 19.04 -37.32 37.79
C PRO C 103 17.68 -37.88 37.40
N THR C 104 16.58 -37.43 38.04
CA THR C 104 15.28 -38.03 37.78
C THR C 104 14.16 -37.03 37.49
N THR C 105 14.45 -35.73 37.47
CA THR C 105 13.41 -34.72 37.28
C THR C 105 14.02 -33.51 36.59
N GLY C 106 13.14 -32.69 36.01
CA GLY C 106 13.57 -31.44 35.40
C GLY C 106 12.44 -30.44 35.42
N TYR C 107 12.82 -29.17 35.24
CA TYR C 107 11.82 -28.11 35.16
C TYR C 107 12.46 -26.91 34.48
N PHE C 108 11.67 -25.87 34.25
CA PHE C 108 12.08 -24.67 33.55
C PHE C 108 12.24 -23.54 34.56
N ASP C 109 13.43 -22.93 34.63
CA ASP C 109 13.63 -21.90 35.65
C ASP C 109 13.87 -20.50 35.09
N LEU C 110 13.87 -20.32 33.77
CA LEU C 110 14.10 -19.02 33.15
C LEU C 110 13.58 -19.07 31.72
N TRP C 111 12.94 -17.98 31.30
CA TRP C 111 12.26 -17.88 30.01
C TRP C 111 12.66 -16.59 29.33
N GLY C 112 12.77 -16.63 28.01
CA GLY C 112 12.81 -15.41 27.24
C GLY C 112 11.43 -14.76 27.23
N ARG C 113 11.34 -13.63 26.53
CA ARG C 113 10.07 -12.91 26.49
C ARG C 113 9.09 -13.50 25.48
N GLY C 114 9.56 -14.36 24.58
CA GLY C 114 8.71 -14.96 23.58
C GLY C 114 8.67 -14.11 22.32
N THR C 115 8.65 -14.74 21.16
CA THR C 115 8.52 -14.05 19.89
C THR C 115 7.51 -14.78 19.02
N LEU C 116 6.55 -14.03 18.49
CA LEU C 116 5.55 -14.61 17.59
C LEU C 116 6.18 -14.90 16.23
N VAL C 117 5.94 -16.10 15.70
CA VAL C 117 6.32 -16.43 14.33
C VAL C 117 5.06 -16.90 13.63
N THR C 118 4.74 -16.26 12.51
CA THR C 118 3.52 -16.57 11.76
C THR C 118 3.89 -17.16 10.42
N ILE C 119 3.29 -18.30 10.07
CA ILE C 119 3.45 -18.88 8.76
C ILE C 119 2.39 -18.24 7.88
N VAL C 120 2.86 -17.44 6.91
CA VAL C 120 1.90 -16.65 6.09
C VAL C 120 1.71 -17.29 4.71
N SER C 121 0.48 -17.69 4.46
CA SER C 121 0.15 -18.19 3.12
C SER C 121 -0.69 -17.08 2.47
N ARG C 122 -2.01 -17.20 2.54
CA ARG C 122 -2.85 -16.10 2.02
C ARG C 122 -2.67 -14.87 2.90
N ARG C 123 -2.71 -13.71 2.26
CA ARG C 123 -2.66 -12.46 3.04
C ARG C 123 -3.43 -11.35 2.30
N LEU C 124 -3.90 -10.40 3.07
CA LEU C 124 -4.64 -9.27 2.53
C LEU C 124 -4.22 -8.04 3.33
N PRO C 125 -3.77 -6.98 2.66
CA PRO C 125 -3.42 -5.74 3.38
C PRO C 125 -4.66 -4.97 3.77
N PRO C 126 -4.68 -4.37 4.96
CA PRO C 126 -5.84 -3.58 5.38
C PRO C 126 -5.85 -2.22 4.72
N SER C 127 -7.03 -1.63 4.67
CA SER C 127 -7.15 -0.19 4.50
C SER C 127 -7.08 0.44 5.89
N VAL C 128 -6.45 1.61 5.99
CA VAL C 128 -6.35 2.32 7.26
C VAL C 128 -7.08 3.64 7.10
N PHE C 129 -8.09 3.86 7.94
CA PHE C 129 -8.95 5.03 7.82
C PHE C 129 -8.89 5.83 9.11
N PRO C 130 -8.73 7.15 9.05
CA PRO C 130 -8.80 7.94 10.27
C PRO C 130 -10.23 7.98 10.77
N LEU C 131 -10.38 8.01 12.10
CA LEU C 131 -11.66 8.20 12.76
C LEU C 131 -11.59 9.57 13.42
N ALA C 132 -12.06 10.59 12.70
CA ALA C 132 -11.89 11.95 13.16
C ALA C 132 -12.73 12.22 14.40
N PRO C 133 -12.28 13.13 15.27
CA PRO C 133 -12.99 13.49 16.50
C PRO C 133 -14.24 14.34 16.29
N SER C 139 -15.58 22.58 22.30
CA SER C 139 -16.65 21.76 22.85
C SER C 139 -16.46 21.50 24.34
N GLY C 140 -15.20 21.40 24.78
CA GLY C 140 -14.89 21.07 26.15
C GLY C 140 -14.85 19.57 26.39
N GLY C 141 -14.44 19.19 27.60
CA GLY C 141 -14.37 17.79 27.98
C GLY C 141 -13.27 17.04 27.25
N THR C 142 -13.48 15.75 27.06
CA THR C 142 -12.58 14.91 26.29
C THR C 142 -13.17 14.64 24.92
N ALA C 143 -12.30 14.21 24.01
CA ALA C 143 -12.69 13.84 22.66
C ALA C 143 -12.06 12.51 22.32
N ALA C 144 -12.74 11.73 21.49
CA ALA C 144 -12.24 10.44 21.04
C ALA C 144 -11.87 10.55 19.56
N LEU C 145 -10.70 10.06 19.21
CA LEU C 145 -10.36 9.92 17.81
C LEU C 145 -9.67 8.58 17.66
N GLY C 146 -9.53 8.15 16.42
CA GLY C 146 -8.96 6.83 16.29
C GLY C 146 -8.59 6.49 14.88
N CYS C 147 -8.32 5.22 14.70
CA CYS C 147 -7.93 4.69 13.41
C CYS C 147 -8.64 3.36 13.25
N LEU C 148 -9.20 3.16 12.06
CA LEU C 148 -9.85 1.89 11.70
C LEU C 148 -8.95 1.13 10.76
N VAL C 149 -8.61 -0.10 11.12
CA VAL C 149 -7.76 -0.95 10.31
C VAL C 149 -8.66 -2.03 9.74
N LYS C 150 -9.02 -1.88 8.46
CA LYS C 150 -10.14 -2.62 7.88
C LYS C 150 -9.67 -3.72 6.94
N ASP C 151 -10.14 -4.94 7.20
CA ASP C 151 -10.10 -6.07 6.27
C ASP C 151 -8.68 -6.54 6.01
N TYR C 152 -8.07 -7.15 7.02
CA TYR C 152 -6.73 -7.69 6.88
C TYR C 152 -6.73 -9.17 7.23
N PHE C 153 -5.69 -9.85 6.76
CA PHE C 153 -5.46 -11.26 7.07
C PHE C 153 -4.01 -11.57 6.79
N PRO C 154 -3.35 -12.39 7.63
CA PRO C 154 -3.83 -12.92 8.92
C PRO C 154 -3.63 -11.91 10.05
N GLU C 155 -3.92 -12.31 11.28
CA GLU C 155 -3.43 -11.51 12.39
C GLU C 155 -1.91 -11.66 12.49
N PRO C 156 -1.24 -10.76 13.21
CA PRO C 156 -1.79 -9.58 13.89
C PRO C 156 -1.48 -8.26 13.20
N VAL C 157 -2.05 -7.19 13.74
CA VAL C 157 -1.68 -5.82 13.43
C VAL C 157 -1.26 -5.15 14.72
N THR C 158 -0.23 -4.30 14.64
CA THR C 158 0.14 -3.48 15.78
C THR C 158 -0.27 -2.05 15.49
N VAL C 159 -0.76 -1.36 16.53
CA VAL C 159 -1.08 0.05 16.43
C VAL C 159 -0.39 0.78 17.57
N SER C 160 0.26 1.89 17.24
N SER C 160 0.28 1.88 17.23
CA SER C 160 0.77 2.81 18.24
CA SER C 160 0.87 2.82 18.17
C SER C 160 0.37 4.21 17.82
C SER C 160 0.35 4.22 17.82
N TRP C 161 0.61 5.17 18.71
CA TRP C 161 0.23 6.56 18.44
C TRP C 161 1.43 7.46 18.63
N ASN C 162 1.59 8.39 17.70
CA ASN C 162 2.68 9.36 17.74
C ASN C 162 4.02 8.67 17.98
N SER C 163 4.19 7.51 17.34
CA SER C 163 5.44 6.77 17.36
C SER C 163 5.72 6.18 18.74
N GLY C 164 4.67 5.94 19.51
CA GLY C 164 4.80 5.43 20.86
C GLY C 164 4.96 6.49 21.93
N ALA C 165 5.03 7.77 21.55
CA ALA C 165 5.10 8.83 22.56
C ALA C 165 3.78 9.00 23.28
N LEU C 166 2.67 8.72 22.62
CA LEU C 166 1.34 8.82 23.20
C LEU C 166 0.91 7.43 23.66
N THR C 167 0.80 7.24 24.96
CA THR C 167 0.30 6.01 25.53
C THR C 167 -0.92 6.20 26.42
N SER C 168 -1.01 7.33 27.13
CA SER C 168 -2.14 7.55 28.02
C SER C 168 -3.41 7.74 27.22
N GLY C 169 -4.46 7.02 27.58
CA GLY C 169 -5.73 7.12 26.90
C GLY C 169 -5.86 6.29 25.65
N VAL C 170 -4.88 5.46 25.35
CA VAL C 170 -4.93 4.64 24.14
C VAL C 170 -5.65 3.34 24.44
N HIS C 171 -6.60 2.98 23.57
CA HIS C 171 -7.31 1.72 23.70
C HIS C 171 -7.41 1.11 22.32
N THR C 172 -6.63 0.07 22.06
CA THR C 172 -6.72 -0.67 20.81
C THR C 172 -7.59 -1.89 21.07
N PHE C 173 -8.71 -1.97 20.37
CA PHE C 173 -9.72 -2.97 20.66
C PHE C 173 -9.35 -4.32 20.04
N PRO C 174 -9.80 -5.41 20.64
CA PRO C 174 -9.65 -6.72 20.01
C PRO C 174 -10.25 -6.70 18.61
N ALA C 175 -9.58 -7.40 17.70
CA ALA C 175 -10.05 -7.45 16.32
C ALA C 175 -11.34 -8.25 16.22
N VAL C 176 -12.17 -7.90 15.25
CA VAL C 176 -13.35 -8.67 14.90
C VAL C 176 -13.01 -9.56 13.71
N LEU C 177 -13.41 -10.84 13.79
CA LEU C 177 -13.37 -11.75 12.65
C LEU C 177 -14.71 -11.68 11.94
N GLN C 178 -14.72 -11.07 10.77
CA GLN C 178 -15.95 -10.84 10.04
C GLN C 178 -16.40 -12.12 9.31
N SER C 179 -17.66 -12.10 8.87
CA SER C 179 -18.19 -13.21 8.09
C SER C 179 -17.40 -13.44 6.82
N SER C 180 -16.69 -12.42 6.36
CA SER C 180 -15.82 -12.54 5.19
C SER C 180 -14.56 -13.35 5.49
N GLY C 181 -14.31 -13.69 6.76
CA GLY C 181 -13.07 -14.34 7.10
C GLY C 181 -11.89 -13.39 7.19
N LEU C 182 -12.13 -12.07 7.18
CA LEU C 182 -11.11 -11.05 7.31
C LEU C 182 -11.25 -10.37 8.66
N TYR C 183 -10.14 -9.83 9.16
CA TYR C 183 -10.12 -9.12 10.44
C TYR C 183 -10.26 -7.61 10.25
N SER C 184 -10.87 -6.96 11.23
CA SER C 184 -10.83 -5.51 11.35
C SER C 184 -10.58 -5.17 12.81
N LEU C 185 -9.94 -4.03 13.05
CA LEU C 185 -9.86 -3.54 14.41
C LEU C 185 -9.82 -2.03 14.40
N SER C 186 -10.11 -1.47 15.55
CA SER C 186 -10.02 -0.04 15.76
C SER C 186 -9.15 0.25 16.95
N SER C 187 -8.51 1.41 16.92
CA SER C 187 -7.74 1.89 18.05
C SER C 187 -8.17 3.33 18.28
N VAL C 188 -8.43 3.66 19.53
N VAL C 188 -8.47 3.67 19.53
CA VAL C 188 -8.98 4.96 19.88
CA VAL C 188 -8.96 4.99 19.83
C VAL C 188 -8.12 5.60 20.95
C VAL C 188 -8.11 5.60 20.93
N VAL C 189 -7.94 6.91 20.85
N VAL C 189 -7.94 6.91 20.87
CA VAL C 189 -7.27 7.70 21.88
CA VAL C 189 -7.27 7.68 21.90
C VAL C 189 -8.29 8.68 22.44
C VAL C 189 -8.26 8.69 22.44
N THR C 190 -8.34 8.78 23.76
CA THR C 190 -9.15 9.78 24.44
C THR C 190 -8.22 10.91 24.84
N VAL C 191 -8.45 12.09 24.30
CA VAL C 191 -7.57 13.24 24.52
C VAL C 191 -8.41 14.41 24.98
N PRO C 192 -7.79 15.40 25.64
CA PRO C 192 -8.52 16.63 25.95
C PRO C 192 -8.94 17.35 24.69
N SER C 193 -10.20 17.77 24.65
CA SER C 193 -10.70 18.49 23.48
C SER C 193 -9.84 19.72 23.19
N SER C 194 -9.24 20.31 24.22
CA SER C 194 -8.46 21.54 24.06
C SER C 194 -7.19 21.34 23.24
N SER C 195 -6.67 20.11 23.16
CA SER C 195 -5.43 19.85 22.44
C SER C 195 -5.64 19.56 20.97
N LEU C 196 -6.88 19.57 20.49
CA LEU C 196 -7.15 19.13 19.13
C LEU C 196 -6.54 20.07 18.11
N GLY C 197 -6.93 21.34 18.14
CA GLY C 197 -6.42 22.28 17.16
C GLY C 197 -4.91 22.49 17.19
N THR C 198 -4.24 21.98 18.22
CA THR C 198 -2.83 22.27 18.44
C THR C 198 -1.92 21.04 18.37
N GLN C 199 -2.38 19.86 18.78
CA GLN C 199 -1.56 18.67 18.82
C GLN C 199 -1.88 17.77 17.63
N THR C 200 -0.83 17.27 16.98
CA THR C 200 -0.96 16.34 15.86
C THR C 200 -1.06 14.92 16.40
N TYR C 201 -1.97 14.13 15.83
CA TYR C 201 -2.19 12.76 16.24
C TYR C 201 -2.01 11.88 15.01
N ILE C 202 -1.09 10.93 15.09
CA ILE C 202 -0.76 10.02 13.99
C ILE C 202 -0.84 8.60 14.54
N CYS C 203 -1.60 7.75 13.86
CA CYS C 203 -1.65 6.34 14.26
C CYS C 203 -0.69 5.55 13.38
N ASN C 204 0.18 4.78 14.04
CA ASN C 204 1.21 4.01 13.36
C ASN C 204 0.68 2.57 13.30
N VAL C 205 0.25 2.16 12.11
CA VAL C 205 -0.28 0.82 11.88
C VAL C 205 0.78 0.00 11.17
N ASN C 206 1.00 -1.23 11.63
CA ASN C 206 1.88 -2.17 10.94
C ASN C 206 1.22 -3.54 10.85
N HIS C 207 0.96 -3.98 9.63
CA HIS C 207 0.51 -5.34 9.37
C HIS C 207 1.68 -6.00 8.63
N LYS C 208 2.57 -6.64 9.38
CA LYS C 208 3.79 -7.15 8.77
C LYS C 208 3.52 -8.23 7.73
N PRO C 209 2.52 -9.12 7.89
CA PRO C 209 2.31 -10.16 6.88
C PRO C 209 2.06 -9.63 5.46
N SER C 210 1.50 -8.44 5.30
CA SER C 210 1.31 -7.85 3.97
C SER C 210 2.23 -6.67 3.72
N ASN C 211 3.19 -6.44 4.61
CA ASN C 211 4.01 -5.23 4.64
C ASN C 211 3.18 -3.98 4.35
N THR C 212 2.15 -3.81 5.17
CA THR C 212 1.37 -2.57 5.21
C THR C 212 1.82 -1.82 6.45
N LYS C 213 2.63 -0.77 6.24
CA LYS C 213 3.14 0.06 7.32
C LYS C 213 2.74 1.48 7.00
N VAL C 214 1.80 2.04 7.77
N VAL C 214 1.81 2.03 7.79
CA VAL C 214 1.21 3.32 7.46
CA VAL C 214 1.17 3.29 7.50
C VAL C 214 1.16 4.15 8.73
C VAL C 214 1.18 4.14 8.76
N ASP C 215 1.52 5.42 8.60
CA ASP C 215 1.38 6.40 9.66
C ASP C 215 0.30 7.36 9.20
N LYS C 216 -0.89 7.25 9.79
CA LYS C 216 -2.06 7.96 9.33
C LYS C 216 -2.36 9.14 10.23
N LYS C 217 -2.30 10.34 9.66
CA LYS C 217 -2.69 11.55 10.39
C LYS C 217 -4.19 11.58 10.60
N VAL C 218 -4.61 11.84 11.83
CA VAL C 218 -6.02 11.95 12.18
C VAL C 218 -6.30 13.41 12.51
N GLU C 219 -7.04 14.09 11.63
CA GLU C 219 -7.39 15.49 11.76
C GLU C 219 -8.90 15.64 11.84
N PRO C 220 -9.38 16.71 12.51
CA PRO C 220 -10.80 17.08 12.52
C PRO C 220 -11.43 17.12 11.13
N VAL D 2 -11.58 8.56 -41.27
CA VAL D 2 -10.18 8.80 -41.61
C VAL D 2 -9.29 8.73 -40.38
N GLN D 3 -8.10 8.16 -40.57
CA GLN D 3 -7.04 8.12 -39.55
C GLN D 3 -5.72 8.60 -40.17
N LEU D 4 -4.91 9.23 -39.33
CA LEU D 4 -3.63 9.80 -39.70
C LEU D 4 -2.54 9.13 -38.89
N GLN D 5 -1.52 8.60 -39.57
CA GLN D 5 -0.43 7.88 -38.91
C GLN D 5 0.90 8.48 -39.34
N GLU D 6 1.58 9.12 -38.39
CA GLU D 6 2.90 9.68 -38.63
C GLU D 6 3.92 8.56 -38.70
N SER D 7 5.02 8.84 -39.39
CA SER D 7 6.15 7.93 -39.44
C SER D 7 7.41 8.73 -39.73
N GLY D 8 8.54 8.19 -39.29
CA GLY D 8 9.82 8.85 -39.48
C GLY D 8 10.63 8.90 -38.20
N PRO D 9 11.92 9.20 -38.33
CA PRO D 9 12.82 9.10 -37.18
C PRO D 9 12.52 10.12 -36.08
N GLY D 10 12.70 9.68 -34.84
CA GLY D 10 12.51 10.50 -33.67
C GLY D 10 13.76 11.26 -33.24
N LEU D 11 14.83 11.13 -34.02
CA LEU D 11 16.11 11.72 -33.70
C LEU D 11 16.67 12.32 -34.99
N VAL D 12 17.09 13.59 -34.93
CA VAL D 12 17.74 14.26 -36.06
C VAL D 12 18.96 15.02 -35.56
N LYS D 13 20.10 14.85 -36.23
CA LYS D 13 21.29 15.56 -35.82
C LYS D 13 21.16 17.06 -36.11
N PRO D 14 21.75 17.90 -35.26
CA PRO D 14 21.74 19.35 -35.53
C PRO D 14 22.30 19.63 -36.92
N SER D 15 21.70 20.61 -37.59
CA SER D 15 21.98 20.99 -38.97
C SER D 15 21.42 19.98 -39.97
N GLY D 16 20.83 18.87 -39.52
CA GLY D 16 20.25 17.90 -40.43
C GLY D 16 18.87 18.32 -40.90
N THR D 17 18.20 17.38 -41.57
CA THR D 17 16.86 17.62 -42.08
C THR D 17 15.90 16.65 -41.40
N LEU D 18 14.87 17.20 -40.76
CA LEU D 18 13.82 16.39 -40.20
C LEU D 18 12.85 16.01 -41.31
N SER D 19 12.50 14.72 -41.38
N SER D 19 12.51 14.72 -41.39
CA SER D 19 11.57 14.22 -42.39
CA SER D 19 11.58 14.21 -42.38
C SER D 19 10.51 13.37 -41.70
C SER D 19 10.51 13.37 -41.70
N LEU D 20 9.25 13.70 -41.95
CA LEU D 20 8.12 12.96 -41.41
C LEU D 20 7.10 12.74 -42.50
N THR D 21 6.38 11.62 -42.39
CA THR D 21 5.32 11.28 -43.33
C THR D 21 4.06 10.95 -42.56
N CYS D 22 2.93 11.40 -43.12
CA CYS D 22 1.61 11.08 -42.59
C CYS D 22 0.89 10.23 -43.62
N THR D 23 0.54 9.01 -43.25
CA THR D 23 -0.24 8.13 -44.12
C THR D 23 -1.71 8.24 -43.75
N VAL D 24 -2.53 8.57 -44.74
CA VAL D 24 -3.95 8.77 -44.54
C VAL D 24 -4.66 7.46 -44.82
N SER D 25 -5.56 7.08 -43.94
CA SER D 25 -6.41 5.91 -44.18
C SER D 25 -7.86 6.31 -43.96
N GLY D 26 -8.77 5.63 -44.65
CA GLY D 26 -10.17 5.97 -44.53
C GLY D 26 -10.65 7.09 -45.41
N GLY D 27 -9.74 7.62 -46.19
CA GLY D 27 -10.09 8.70 -47.11
C GLY D 27 -8.97 8.93 -48.08
N PHE D 28 -9.23 9.79 -49.06
CA PHE D 28 -8.21 10.13 -50.05
C PHE D 28 -7.52 11.44 -49.66
N ILE D 29 -6.29 11.61 -50.12
CA ILE D 29 -5.60 12.92 -49.97
C ILE D 29 -6.34 13.92 -50.85
N SER D 30 -6.91 13.42 -51.95
CA SER D 30 -7.64 14.28 -52.92
C SER D 30 -9.03 14.73 -52.43
N SER D 31 -9.16 15.20 -51.22
CA SER D 31 -10.44 15.75 -50.71
C SER D 31 -10.45 17.28 -50.81
N ARG D 32 -11.47 17.92 -50.26
CA ARG D 32 -11.49 19.39 -50.17
C ARG D 32 -10.70 19.84 -48.93
N ASN D 33 -10.17 18.87 -48.19
CA ASN D 33 -9.38 19.19 -47.02
C ASN D 33 -8.01 19.71 -47.42
N TRP D 34 -7.38 20.43 -46.51
CA TRP D 34 -5.96 20.72 -46.61
C TRP D 34 -5.26 19.89 -45.55
N TRP D 35 -3.99 19.57 -45.80
CA TRP D 35 -3.20 18.69 -44.93
C TRP D 35 -2.08 19.49 -44.31
N SER D 36 -1.89 19.34 -42.99
CA SER D 36 -1.04 20.30 -42.30
C SER D 36 -0.16 19.60 -41.28
N TRP D 37 0.86 20.34 -40.85
CA TRP D 37 1.76 19.94 -39.78
C TRP D 37 1.74 21.02 -38.71
N VAL D 38 1.64 20.60 -37.45
CA VAL D 38 1.65 21.48 -36.29
C VAL D 38 2.65 20.89 -35.30
N ARG D 39 3.40 21.73 -34.60
CA ARG D 39 4.33 21.18 -33.62
C ARG D 39 4.12 21.84 -32.26
N GLN D 40 4.64 21.20 -31.25
CA GLN D 40 4.45 21.66 -29.87
C GLN D 40 5.69 21.28 -29.06
N PRO D 41 6.55 22.25 -28.79
CA PRO D 41 7.72 21.97 -27.95
C PRO D 41 7.28 21.57 -26.55
N PRO D 42 8.07 20.72 -25.87
CA PRO D 42 7.72 20.30 -24.51
C PRO D 42 7.27 21.46 -23.63
N GLY D 43 6.07 21.34 -23.07
CA GLY D 43 5.55 22.36 -22.17
C GLY D 43 5.12 23.65 -22.80
N LYS D 44 5.05 23.74 -24.13
CA LYS D 44 4.71 25.01 -24.75
C LYS D 44 3.43 24.87 -25.59
N GLY D 45 3.10 25.94 -26.32
CA GLY D 45 1.88 26.00 -27.09
C GLY D 45 2.03 25.45 -28.49
N LEU D 46 0.93 25.47 -29.22
CA LEU D 46 0.89 24.93 -30.57
C LEU D 46 1.45 25.94 -31.57
N GLU D 47 2.23 25.44 -32.54
CA GLU D 47 2.79 26.27 -33.61
C GLU D 47 2.50 25.59 -34.94
N TRP D 48 1.75 26.26 -35.81
CA TRP D 48 1.44 25.75 -37.14
C TRP D 48 2.67 25.86 -38.03
N ILE D 49 2.98 24.80 -38.76
CA ILE D 49 4.13 24.80 -39.65
C ILE D 49 3.73 25.13 -41.08
N GLY D 50 2.66 24.50 -41.56
CA GLY D 50 2.20 24.79 -42.91
C GLY D 50 1.13 23.82 -43.32
N GLU D 51 0.67 24.00 -44.55
CA GLU D 51 -0.41 23.20 -45.10
C GLU D 51 -0.14 22.93 -46.58
N VAL D 52 -0.80 21.91 -47.11
CA VAL D 52 -0.71 21.59 -48.53
C VAL D 52 -2.07 21.09 -49.01
N TYR D 53 -2.39 21.39 -50.26
CA TYR D 53 -3.58 20.89 -50.94
C TYR D 53 -3.20 19.73 -51.87
N HIS D 54 -4.19 18.89 -52.21
CA HIS D 54 -3.84 17.70 -52.98
C HIS D 54 -3.24 18.05 -54.34
N THR D 55 -3.52 19.24 -54.86
CA THR D 55 -2.91 19.70 -56.11
C THR D 55 -1.45 20.07 -55.93
N GLY D 56 -0.96 20.10 -54.71
CA GLY D 56 0.43 20.43 -54.43
C GLY D 56 0.68 21.85 -53.94
N ILE D 57 -0.34 22.72 -53.95
CA ILE D 57 -0.15 24.10 -53.51
C ILE D 57 0.17 24.11 -52.02
N THR D 58 1.19 24.87 -51.64
CA THR D 58 1.64 24.90 -50.24
C THR D 58 1.46 26.31 -49.67
N ASN D 59 1.53 26.38 -48.34
CA ASN D 59 1.46 27.64 -47.62
C ASN D 59 2.13 27.42 -46.26
N TYR D 60 3.13 28.22 -45.93
CA TYR D 60 3.97 27.96 -44.77
C TYR D 60 3.91 29.09 -43.75
N ASN D 61 4.15 28.73 -42.50
CA ASN D 61 4.42 29.73 -41.46
C ASN D 61 5.56 30.63 -41.91
N PRO D 62 5.36 31.94 -41.98
CA PRO D 62 6.42 32.82 -42.52
C PRO D 62 7.76 32.68 -41.81
N SER D 63 7.76 32.36 -40.52
CA SER D 63 9.01 32.23 -39.77
C SER D 63 9.76 30.95 -40.09
N LEU D 64 9.13 29.99 -40.77
CA LEU D 64 9.73 28.73 -41.15
C LEU D 64 9.88 28.56 -42.66
N LYS D 65 9.36 29.50 -43.46
CA LYS D 65 9.23 29.27 -44.90
C LYS D 65 10.54 28.83 -45.53
N SER D 66 11.66 29.45 -45.13
CA SER D 66 12.93 29.17 -45.80
C SER D 66 13.48 27.78 -45.49
N ARG D 67 12.94 27.09 -44.48
CA ARG D 67 13.44 25.77 -44.10
C ARG D 67 12.43 24.65 -44.28
N VAL D 68 11.21 24.94 -44.72
CA VAL D 68 10.12 23.97 -44.69
C VAL D 68 9.77 23.56 -46.11
N THR D 69 9.48 22.26 -46.28
CA THR D 69 8.86 21.76 -47.50
C THR D 69 7.76 20.80 -47.08
N ILE D 70 6.57 21.00 -47.61
CA ILE D 70 5.46 20.06 -47.41
C ILE D 70 5.04 19.54 -48.77
N SER D 71 4.76 18.25 -48.85
CA SER D 71 4.49 17.63 -50.13
C SER D 71 3.39 16.59 -49.96
N VAL D 72 2.76 16.24 -51.09
N VAL D 72 2.79 16.22 -51.10
CA VAL D 72 1.79 15.15 -51.10
CA VAL D 72 1.80 15.16 -51.13
C VAL D 72 2.27 14.10 -52.09
C VAL D 72 2.28 14.10 -52.11
N ASP D 73 1.89 12.86 -51.83
CA ASP D 73 2.16 11.74 -52.75
C ASP D 73 0.86 10.94 -52.84
N LYS D 74 0.06 11.26 -53.86
CA LYS D 74 -1.24 10.60 -53.99
C LYS D 74 -1.10 9.12 -54.27
N SER D 75 0.01 8.70 -54.90
CA SER D 75 0.17 7.28 -55.20
C SER D 75 0.29 6.43 -53.93
N LYS D 76 0.72 7.02 -52.82
CA LYS D 76 0.76 6.30 -51.54
C LYS D 76 -0.22 6.88 -50.53
N ASN D 77 -1.07 7.81 -50.94
CA ASN D 77 -2.07 8.44 -50.07
C ASN D 77 -1.41 9.03 -48.82
N GLN D 78 -0.34 9.79 -49.02
N GLN D 78 -0.33 9.77 -49.04
CA GLN D 78 0.43 10.32 -47.90
CA GLN D 78 0.48 10.31 -47.95
C GLN D 78 0.78 11.77 -48.16
C GLN D 78 0.75 11.79 -48.16
N PHE D 79 1.19 12.46 -47.09
CA PHE D 79 1.81 13.78 -47.21
C PHE D 79 2.96 13.84 -46.22
N SER D 80 3.94 14.70 -46.49
N SER D 80 3.92 14.72 -46.47
CA SER D 80 5.17 14.69 -45.73
CA SER D 80 5.16 14.67 -45.71
C SER D 80 5.65 16.10 -45.39
C SER D 80 5.69 16.07 -45.43
N LEU D 81 6.57 16.13 -44.44
CA LEU D 81 7.21 17.36 -43.99
C LEU D 81 8.72 17.18 -44.04
N LYS D 82 9.40 18.20 -44.55
CA LYS D 82 10.85 18.27 -44.48
C LYS D 82 11.22 19.63 -43.89
N LEU D 83 12.03 19.60 -42.84
CA LEU D 83 12.44 20.83 -42.16
C LEU D 83 13.96 20.79 -42.12
N SER D 84 14.61 21.72 -42.80
CA SER D 84 16.05 21.66 -42.94
C SER D 84 16.74 22.49 -41.86
N SER D 85 18.06 22.29 -41.74
CA SER D 85 18.92 23.08 -40.86
C SER D 85 18.38 23.13 -39.43
N VAL D 86 18.07 21.95 -38.88
CA VAL D 86 17.41 21.93 -37.58
C VAL D 86 18.39 22.29 -36.48
N THR D 87 17.86 22.91 -35.42
CA THR D 87 18.58 23.16 -34.17
C THR D 87 17.75 22.64 -33.01
N ALA D 88 18.30 22.72 -31.80
CA ALA D 88 17.59 22.25 -30.63
C ALA D 88 16.26 22.96 -30.42
N ALA D 89 16.09 24.16 -30.98
CA ALA D 89 14.80 24.84 -30.95
C ALA D 89 13.72 24.11 -31.73
N ASP D 90 14.10 23.14 -32.55
CA ASP D 90 13.14 22.35 -33.33
C ASP D 90 12.71 21.07 -32.63
N THR D 91 13.26 20.77 -31.46
CA THR D 91 12.78 19.64 -30.67
C THR D 91 11.33 19.89 -30.27
N ALA D 92 10.44 18.96 -30.59
CA ALA D 92 9.01 19.17 -30.35
C ALA D 92 8.27 17.88 -30.70
N VAL D 93 7.00 17.83 -30.29
CA VAL D 93 6.09 16.81 -30.80
C VAL D 93 5.51 17.36 -32.09
N TYR D 94 5.60 16.57 -33.16
CA TYR D 94 5.13 16.97 -34.48
C TYR D 94 3.84 16.22 -34.76
N TYR D 95 2.76 16.96 -35.03
CA TYR D 95 1.47 16.39 -35.37
C TYR D 95 1.17 16.61 -36.84
N CYS D 96 0.67 15.56 -37.51
CA CYS D 96 -0.03 15.83 -38.75
C CYS D 96 -1.51 16.03 -38.43
N ALA D 97 -2.18 16.83 -39.27
CA ALA D 97 -3.53 17.25 -38.96
C ALA D 97 -4.28 17.50 -40.26
N ARG D 98 -5.59 17.29 -40.20
CA ARG D 98 -6.44 17.59 -41.35
C ARG D 98 -7.16 18.90 -41.08
N GLU D 99 -7.13 19.80 -42.06
CA GLU D 99 -7.82 21.07 -41.97
C GLU D 99 -9.09 21.04 -42.78
N VAL D 100 -10.10 21.71 -42.26
CA VAL D 100 -11.34 21.96 -42.97
C VAL D 100 -11.31 23.45 -43.32
N VAL D 101 -11.44 23.76 -44.60
CA VAL D 101 -11.13 25.09 -45.12
C VAL D 101 -12.31 25.54 -45.97
N GLY D 102 -13.02 26.56 -45.51
CA GLY D 102 -14.09 27.16 -46.27
C GLY D 102 -13.62 28.44 -46.93
N PRO D 103 -14.55 29.16 -47.56
CA PRO D 103 -14.18 30.42 -48.21
C PRO D 103 -13.64 31.45 -47.22
N THR D 104 -14.06 31.42 -45.96
CA THR D 104 -13.68 32.48 -45.04
C THR D 104 -13.09 32.00 -43.72
N THR D 105 -13.10 30.71 -43.44
CA THR D 105 -12.65 30.23 -42.14
C THR D 105 -12.04 28.85 -42.30
N GLY D 106 -11.28 28.44 -41.31
CA GLY D 106 -10.68 27.12 -41.33
C GLY D 106 -10.42 26.65 -39.92
N TYR D 107 -10.31 25.33 -39.77
CA TYR D 107 -10.00 24.74 -38.47
C TYR D 107 -9.42 23.34 -38.68
N PHE D 108 -9.00 22.72 -37.57
CA PHE D 108 -8.37 21.40 -37.60
C PHE D 108 -9.35 20.37 -37.08
N ASP D 109 -9.77 19.42 -37.92
CA ASP D 109 -10.79 18.50 -37.44
C ASP D 109 -10.27 17.09 -37.16
N LEU D 110 -8.98 16.84 -37.37
CA LEU D 110 -8.41 15.50 -37.17
C LEU D 110 -6.92 15.64 -36.93
N TRP D 111 -6.41 14.93 -35.94
CA TRP D 111 -5.00 15.01 -35.58
C TRP D 111 -4.41 13.61 -35.54
N GLY D 112 -3.15 13.49 -35.95
CA GLY D 112 -2.41 12.28 -35.70
C GLY D 112 -2.04 12.18 -34.22
N ARG D 113 -1.37 11.07 -33.88
CA ARG D 113 -0.98 10.86 -32.49
C ARG D 113 0.19 11.72 -32.06
N GLY D 114 0.95 12.26 -33.01
CA GLY D 114 2.10 13.06 -32.67
C GLY D 114 3.35 12.22 -32.56
N THR D 115 4.48 12.75 -32.98
N THR D 115 4.48 12.75 -33.01
CA THR D 115 5.75 12.04 -32.88
CA THR D 115 5.76 12.02 -32.90
C THR D 115 6.79 12.98 -32.28
C THR D 115 6.84 12.94 -32.32
N LEU D 116 7.41 12.54 -31.21
CA LEU D 116 8.45 13.36 -30.59
C LEU D 116 9.69 13.31 -31.46
N VAL D 117 10.22 14.46 -31.82
CA VAL D 117 11.46 14.54 -32.57
C VAL D 117 12.44 15.35 -31.72
N THR D 118 13.58 14.75 -31.40
CA THR D 118 14.61 15.42 -30.61
C THR D 118 15.80 15.72 -31.50
N ILE D 119 16.29 16.96 -31.42
CA ILE D 119 17.42 17.40 -32.25
C ILE D 119 18.69 17.14 -31.45
N VAL D 120 19.29 15.98 -31.69
CA VAL D 120 20.45 15.51 -30.95
C VAL D 120 21.09 14.41 -31.80
N SER D 121 22.38 14.17 -31.58
N SER D 121 22.37 14.14 -31.57
CA SER D 121 23.10 13.11 -32.27
CA SER D 121 23.04 13.07 -32.29
C SER D 121 23.26 11.85 -31.44
C SER D 121 23.28 11.83 -31.45
N ARG D 122 23.61 11.99 -30.16
CA ARG D 122 23.96 10.84 -29.36
C ARG D 122 22.74 10.02 -28.98
N ARG D 123 22.93 8.71 -28.87
CA ARG D 123 21.86 7.83 -28.43
C ARG D 123 22.47 6.70 -27.62
N LEU D 124 21.66 6.10 -26.74
CA LEU D 124 22.15 5.02 -25.89
C LEU D 124 21.01 4.01 -25.70
N PRO D 125 21.25 2.73 -25.94
CA PRO D 125 20.20 1.72 -25.78
C PRO D 125 19.97 1.41 -24.31
N PRO D 126 18.72 1.17 -23.91
CA PRO D 126 18.46 0.79 -22.51
C PRO D 126 18.81 -0.65 -22.24
N SER D 127 18.97 -0.94 -20.95
CA SER D 127 18.93 -2.30 -20.45
C SER D 127 17.50 -2.57 -19.97
N VAL D 128 16.99 -3.76 -20.27
CA VAL D 128 15.61 -4.10 -19.92
C VAL D 128 15.67 -5.24 -18.90
N PHE D 129 15.13 -4.98 -17.70
CA PHE D 129 15.19 -5.95 -16.62
C PHE D 129 13.80 -6.30 -16.13
N PRO D 130 13.51 -7.57 -15.90
CA PRO D 130 12.21 -7.94 -15.35
C PRO D 130 12.11 -7.50 -13.89
N LEU D 131 10.89 -7.14 -13.51
CA LEU D 131 10.53 -6.84 -12.13
C LEU D 131 9.60 -7.97 -11.71
N ALA D 132 10.17 -8.99 -11.05
CA ALA D 132 9.52 -10.28 -10.95
C ALA D 132 8.34 -10.25 -10.00
N PRO D 133 7.28 -11.06 -10.27
CA PRO D 133 6.19 -11.22 -9.33
C PRO D 133 6.78 -11.93 -8.10
N SER D 134 6.30 -11.56 -6.93
CA SER D 134 6.85 -12.08 -5.66
C SER D 134 5.73 -12.23 -4.64
N SER D 135 6.06 -12.87 -3.52
CA SER D 135 5.10 -12.92 -2.41
C SER D 135 4.83 -11.48 -1.96
N LYS D 136 5.87 -10.62 -2.00
CA LYS D 136 5.72 -9.20 -1.56
C LYS D 136 4.85 -8.41 -2.55
N SER D 137 4.85 -8.82 -3.81
CA SER D 137 4.06 -8.10 -4.81
C SER D 137 2.70 -8.76 -5.07
N THR D 138 2.31 -9.73 -4.26
CA THR D 138 1.14 -10.55 -4.52
C THR D 138 0.27 -10.56 -3.27
N SER D 139 -1.03 -10.33 -3.44
N SER D 139 -1.03 -10.30 -3.43
CA SER D 139 -1.95 -10.37 -2.31
CA SER D 139 -1.95 -10.38 -2.30
C SER D 139 -3.38 -10.46 -2.83
C SER D 139 -3.37 -10.45 -2.82
N GLY D 140 -4.21 -11.22 -2.13
CA GLY D 140 -5.63 -11.28 -2.41
C GLY D 140 -6.01 -11.48 -3.87
N GLY D 141 -5.36 -12.44 -4.53
CA GLY D 141 -5.76 -12.85 -5.85
C GLY D 141 -5.11 -12.08 -6.98
N THR D 142 -4.34 -11.03 -6.68
CA THR D 142 -3.66 -10.27 -7.70
C THR D 142 -2.15 -10.21 -7.42
N ALA D 143 -1.38 -10.14 -8.49
CA ALA D 143 0.07 -10.06 -8.42
C ALA D 143 0.55 -8.93 -9.32
N ALA D 144 1.52 -8.16 -8.85
CA ALA D 144 2.13 -7.12 -9.67
C ALA D 144 3.47 -7.62 -10.20
N LEU D 145 3.73 -7.32 -11.46
CA LEU D 145 5.03 -7.57 -12.06
C LEU D 145 5.31 -6.46 -13.05
N GLY D 146 6.53 -6.38 -13.53
CA GLY D 146 6.83 -5.23 -14.35
C GLY D 146 8.13 -5.38 -15.10
N CYS D 147 8.52 -4.28 -15.71
CA CYS D 147 9.75 -4.23 -16.47
C CYS D 147 10.42 -2.90 -16.18
N LEU D 148 11.73 -2.94 -15.96
CA LEU D 148 12.55 -1.76 -15.77
C LEU D 148 13.34 -1.51 -17.06
N VAL D 149 13.16 -0.33 -17.64
CA VAL D 149 13.88 0.10 -18.84
C VAL D 149 14.90 1.14 -18.38
N LYS D 150 16.16 0.74 -18.28
CA LYS D 150 17.15 1.53 -17.56
C LYS D 150 18.13 2.20 -18.52
N ASP D 151 18.34 3.51 -18.31
CA ASP D 151 19.48 4.25 -18.86
C ASP D 151 19.47 4.30 -20.39
N TYR D 152 18.47 4.99 -20.93
CA TYR D 152 18.37 5.18 -22.37
C TYR D 152 18.40 6.66 -22.72
N PHE D 153 18.66 6.95 -24.00
CA PHE D 153 18.66 8.34 -24.43
C PHE D 153 18.59 8.33 -25.94
N PRO D 154 17.84 9.25 -26.58
CA PRO D 154 16.92 10.12 -25.91
C PRO D 154 15.51 9.51 -25.78
N GLU D 155 14.55 10.28 -25.32
CA GLU D 155 13.15 9.79 -25.34
C GLU D 155 12.77 9.57 -26.83
N PRO D 156 11.70 8.83 -27.17
CA PRO D 156 10.91 8.06 -26.23
C PRO D 156 11.09 6.54 -26.30
N VAL D 157 10.49 5.84 -25.33
CA VAL D 157 10.48 4.35 -25.34
C VAL D 157 9.01 3.93 -25.30
N THR D 158 8.68 2.88 -26.01
CA THR D 158 7.31 2.35 -25.96
C THR D 158 7.35 1.01 -25.23
N VAL D 159 6.33 0.78 -24.39
CA VAL D 159 6.23 -0.49 -23.69
C VAL D 159 4.84 -1.03 -23.93
N SER D 160 4.76 -2.30 -24.29
CA SER D 160 3.49 -3.01 -24.33
C SER D 160 3.68 -4.33 -23.62
N TRP D 161 2.57 -5.05 -23.44
CA TRP D 161 2.58 -6.33 -22.73
C TRP D 161 1.90 -7.36 -23.59
N ASN D 162 2.54 -8.51 -23.71
CA ASN D 162 2.05 -9.63 -24.51
C ASN D 162 1.63 -9.16 -25.90
N SER D 163 2.52 -8.40 -26.54
CA SER D 163 2.32 -7.90 -27.90
C SER D 163 0.98 -7.19 -28.05
N GLY D 164 0.61 -6.43 -27.02
CA GLY D 164 -0.61 -5.65 -27.05
C GLY D 164 -1.84 -6.38 -26.58
N ALA D 165 -1.76 -7.68 -26.36
CA ALA D 165 -2.96 -8.42 -25.95
C ALA D 165 -3.34 -8.13 -24.51
N LEU D 166 -2.41 -7.64 -23.70
CA LEU D 166 -2.66 -7.34 -22.29
C LEU D 166 -2.64 -5.83 -22.12
N THR D 167 -3.78 -5.26 -21.74
CA THR D 167 -3.89 -3.82 -21.57
C THR D 167 -4.52 -3.44 -20.23
N SER D 168 -5.45 -4.24 -19.75
CA SER D 168 -6.07 -3.95 -18.47
C SER D 168 -5.04 -4.10 -17.36
N GLY D 169 -5.01 -3.12 -16.45
CA GLY D 169 -4.11 -3.18 -15.32
C GLY D 169 -2.66 -2.83 -15.62
N VAL D 170 -2.36 -2.39 -16.83
CA VAL D 170 -1.01 -1.92 -17.18
C VAL D 170 -0.86 -0.46 -16.77
N HIS D 171 0.25 -0.14 -16.12
CA HIS D 171 0.58 1.24 -15.78
C HIS D 171 2.04 1.49 -16.11
N THR D 172 2.28 2.24 -17.17
CA THR D 172 3.63 2.61 -17.55
C THR D 172 3.89 4.01 -17.02
N PHE D 173 4.91 4.14 -16.21
CA PHE D 173 5.19 5.36 -15.49
C PHE D 173 5.97 6.33 -16.37
N PRO D 174 5.78 7.63 -16.18
CA PRO D 174 6.65 8.60 -16.85
C PRO D 174 8.11 8.39 -16.48
N ALA D 175 8.98 8.63 -17.45
CA ALA D 175 10.41 8.40 -17.25
C ALA D 175 10.99 9.41 -16.28
N VAL D 176 12.01 8.98 -15.56
CA VAL D 176 12.83 9.87 -14.75
C VAL D 176 14.03 10.28 -15.57
N LEU D 177 14.32 11.57 -15.57
CA LEU D 177 15.52 12.10 -16.21
C LEU D 177 16.57 12.23 -15.12
N GLN D 178 17.58 11.39 -15.17
CA GLN D 178 18.55 11.27 -14.09
C GLN D 178 19.64 12.34 -14.22
N SER D 179 20.35 12.55 -13.11
N SER D 179 20.35 12.55 -13.11
CA SER D 179 21.48 13.48 -13.13
CA SER D 179 21.48 13.48 -13.13
C SER D 179 22.52 13.07 -14.16
C SER D 179 22.54 13.06 -14.14
N SER D 180 22.57 11.79 -14.52
CA SER D 180 23.48 11.33 -15.56
C SER D 180 23.09 11.83 -16.95
N GLY D 181 21.93 12.48 -17.07
CA GLY D 181 21.40 12.89 -18.35
C GLY D 181 20.75 11.77 -19.14
N LEU D 182 20.52 10.62 -18.51
CA LEU D 182 19.89 9.46 -19.14
C LEU D 182 18.51 9.27 -18.51
N TYR D 183 17.65 8.57 -19.24
CA TYR D 183 16.29 8.28 -18.81
C TYR D 183 16.16 6.86 -18.31
N SER D 184 15.23 6.65 -17.38
CA SER D 184 14.80 5.32 -16.99
C SER D 184 13.29 5.35 -16.81
N LEU D 185 12.62 4.23 -17.08
CA LEU D 185 11.21 4.15 -16.72
C LEU D 185 10.86 2.72 -16.37
N SER D 186 9.67 2.57 -15.79
CA SER D 186 9.15 1.29 -15.37
C SER D 186 7.70 1.14 -15.85
N SER D 187 7.34 -0.08 -16.16
CA SER D 187 5.97 -0.46 -16.51
C SER D 187 5.57 -1.60 -15.60
N VAL D 188 4.41 -1.49 -14.97
N VAL D 188 4.41 -1.48 -14.97
CA VAL D 188 3.94 -2.52 -14.07
CA VAL D 188 3.92 -2.50 -14.06
C VAL D 188 2.53 -2.91 -14.45
C VAL D 188 2.53 -2.92 -14.48
N VAL D 189 2.26 -4.21 -14.40
CA VAL D 189 0.96 -4.77 -14.71
C VAL D 189 0.52 -5.61 -13.51
N THR D 190 -0.74 -5.49 -13.15
CA THR D 190 -1.34 -6.33 -12.12
C THR D 190 -2.22 -7.36 -12.81
N VAL D 191 -2.03 -8.63 -12.46
CA VAL D 191 -2.74 -9.72 -13.10
C VAL D 191 -3.28 -10.64 -12.02
N PRO D 192 -4.22 -11.51 -12.35
CA PRO D 192 -4.65 -12.54 -11.38
C PRO D 192 -3.50 -13.44 -10.97
N SER D 193 -3.33 -13.63 -9.66
N SER D 193 -3.36 -13.62 -9.66
CA SER D 193 -2.26 -14.49 -9.19
CA SER D 193 -2.30 -14.48 -9.14
C SER D 193 -2.38 -15.89 -9.77
C SER D 193 -2.38 -15.89 -9.72
N SER D 194 -3.60 -16.39 -9.98
CA SER D 194 -3.75 -17.74 -10.47
C SER D 194 -3.20 -17.90 -11.89
N SER D 195 -2.98 -16.81 -12.62
CA SER D 195 -2.47 -16.95 -13.98
C SER D 195 -0.95 -17.11 -14.02
N LEU D 196 -0.26 -16.97 -12.89
CA LEU D 196 1.20 -16.90 -12.92
C LEU D 196 1.81 -18.19 -13.43
N GLY D 197 1.21 -19.34 -13.10
CA GLY D 197 1.79 -20.59 -13.56
C GLY D 197 1.34 -21.05 -14.93
N THR D 198 0.36 -20.39 -15.53
CA THR D 198 -0.25 -20.85 -16.77
C THR D 198 -0.09 -19.89 -17.93
N GLN D 199 0.09 -18.61 -17.66
CA GLN D 199 0.14 -17.57 -18.69
C GLN D 199 1.51 -16.91 -18.66
N THR D 200 2.14 -16.78 -19.83
CA THR D 200 3.42 -16.09 -19.91
C THR D 200 3.17 -14.59 -20.03
N TYR D 201 4.02 -13.81 -19.36
CA TYR D 201 3.93 -12.35 -19.38
C TYR D 201 5.23 -11.82 -19.95
N ILE D 202 5.13 -11.11 -21.06
CA ILE D 202 6.29 -10.58 -21.75
C ILE D 202 6.09 -9.09 -21.94
N CYS D 203 7.09 -8.31 -21.57
CA CYS D 203 7.05 -6.88 -21.80
C CYS D 203 7.84 -6.55 -23.06
N ASN D 204 7.17 -5.86 -23.99
CA ASN D 204 7.71 -5.53 -25.31
C ASN D 204 8.21 -4.10 -25.24
N VAL D 205 9.53 -3.92 -25.33
CA VAL D 205 10.15 -2.61 -25.21
C VAL D 205 10.76 -2.24 -26.56
N ASN D 206 10.51 -1.02 -27.00
CA ASN D 206 11.08 -0.53 -28.25
C ASN D 206 11.66 0.84 -28.01
N HIS D 207 12.97 0.98 -28.21
CA HIS D 207 13.65 2.27 -28.22
C HIS D 207 14.18 2.42 -29.63
N LYS D 208 13.43 3.12 -30.48
CA LYS D 208 13.79 3.18 -31.89
C LYS D 208 15.13 3.87 -32.14
N PRO D 209 15.49 4.95 -31.46
CA PRO D 209 16.76 5.62 -31.77
C PRO D 209 17.98 4.71 -31.71
N SER D 210 17.95 3.65 -30.88
CA SER D 210 19.07 2.73 -30.73
C SER D 210 18.79 1.36 -31.34
N ASN D 211 17.70 1.22 -32.09
CA ASN D 211 17.17 -0.08 -32.54
C ASN D 211 17.28 -1.13 -31.44
N THR D 212 16.74 -0.79 -30.27
CA THR D 212 16.53 -1.76 -29.21
C THR D 212 15.07 -2.19 -29.27
N LYS D 213 14.85 -3.47 -29.59
CA LYS D 213 13.51 -4.05 -29.60
C LYS D 213 13.64 -5.39 -28.87
N VAL D 214 13.16 -5.41 -27.62
CA VAL D 214 13.33 -6.53 -26.72
C VAL D 214 11.95 -6.99 -26.26
N ASP D 215 11.77 -8.31 -26.19
CA ASP D 215 10.59 -8.93 -25.59
C ASP D 215 11.08 -9.75 -24.40
N LYS D 216 10.89 -9.19 -23.20
CA LYS D 216 11.47 -9.73 -21.97
C LYS D 216 10.42 -10.52 -21.21
N LYS D 217 10.67 -11.80 -21.01
CA LYS D 217 9.75 -12.60 -20.22
C LYS D 217 9.97 -12.30 -18.74
N VAL D 218 8.86 -12.14 -18.02
CA VAL D 218 8.89 -11.80 -16.60
C VAL D 218 8.36 -13.00 -15.84
N GLU D 219 9.24 -13.64 -15.07
CA GLU D 219 8.96 -14.83 -14.26
C GLU D 219 9.28 -14.57 -12.80
N PRO D 220 8.71 -15.36 -11.89
CA PRO D 220 9.18 -15.34 -10.51
C PRO D 220 10.65 -15.71 -10.43
N LYS D 221 11.29 -15.29 -9.34
CA LYS D 221 12.64 -15.72 -9.05
C LYS D 221 12.63 -17.02 -8.24
N1 84K E . 19.40 -37.00 28.40
C4 84K E . 19.05 -37.60 27.10
C5 84K E . 18.37 -38.80 27.05
C6 84K E . 18.04 -39.36 25.83
C7 84K E . 18.38 -38.70 24.65
C8 84K E . 19.06 -37.51 24.71
C10 84K E . 18.36 -36.37 29.24
C13 84K E . 17.35 -34.06 29.84
C15 84K E . 15.31 -33.71 30.35
C17 84K E . 13.02 -32.58 30.65
C20 84K E . 11.51 -30.72 32.07
C21 84K E . 12.39 -30.30 31.06
C22 84K E . 13.13 -31.23 30.35
C24 84K E . 19.87 -36.00 32.30
C1 84K E . 23.29 -37.06 28.22
C11 84K E . 16.88 -36.67 28.85
C12 84K E . 15.90 -35.68 29.61
C14 84K E . 18.50 -34.87 29.23
C16 84K E . 13.85 -33.66 29.87
C18 84K E . 12.14 -33.00 31.65
C19 84K E . 11.40 -32.06 32.34
C2 84K E . 21.90 -37.71 28.00
C23 84K E . 18.56 -36.96 30.61
C3 84K E . 20.83 -37.05 28.86
C9 84K E . 19.40 -36.95 25.93
N2 84K E . 16.15 -34.38 29.47
O1 84K E . 21.16 -36.58 29.91
O2 84K E . 18.67 -38.15 30.69
O3 84K E . 18.60 -36.14 31.75
H6 84K E . 18.10 -39.31 27.97
H7 84K E . 17.50 -40.29 25.79
H8 84K E . 18.11 -39.13 23.70
H9 84K E . 19.34 -36.99 23.78
H16 84K E . 17.52 -33.01 29.58
H15 84K E . 17.41 -34.18 30.92
H19 84K E . 15.68 -32.69 30.47
H20 84K E . 15.34 -34.22 31.32
H25 84K E . 10.94 -30.00 32.61
H26 84K E . 12.48 -29.25 30.83
H27 84K E . 13.82 -30.91 29.58
H28 84K E . 19.78 -35.65 33.32
H30 84K E . 20.44 -35.28 31.71
H29 84K E . 20.38 -36.96 32.30
H3 84K E . 23.99 -37.40 27.45
H1 84K E . 23.67 -37.33 29.21
H2 84K E . 23.19 -35.96 28.16
H12 84K E . 16.63 -37.69 29.12
H11 84K E . 16.75 -36.55 27.78
H13 84K E . 15.95 -35.91 30.67
H14 84K E . 14.89 -35.86 29.25
H17 84K E . 18.62 -34.55 28.19
H18 84K E . 19.41 -34.62 29.78
H21 84K E . 13.39 -34.62 30.02
H22 84K E . 13.83 -33.40 28.82
H23 84K E . 12.05 -34.04 31.88
H24 84K E . 10.72 -32.39 33.12
H5 84K E . 21.96 -38.77 28.25
H4 84K E . 21.63 -37.61 26.95
H10 84K E . 19.93 -36.03 25.97
N1 84K F . -4.91 29.78 -49.88
C4 84K F . -3.56 30.34 -49.94
C5 84K F . -3.34 31.69 -49.73
C6 84K F . -2.06 32.18 -49.75
C7 84K F . -0.98 31.35 -49.99
C8 84K F . -1.20 30.00 -50.19
C10 84K F . -5.55 29.51 -48.57
C13 84K F . -5.92 27.78 -46.73
C15 84K F . -6.00 28.29 -44.62
C17 84K F . -5.86 28.10 -42.08
C20 84K F . -7.09 27.05 -39.81
C21 84K F . -6.25 26.26 -40.59
C22 84K F . -5.64 26.78 -41.72
C24 84K F . -9.25 29.96 -48.67
C1 84K F . -4.88 31.31 -52.81
C11 84K F . -4.82 30.27 -47.42
C12 84K F . -5.32 29.76 -46.00
C14 84K F . -5.53 28.05 -48.19
C16 84K F . -5.19 28.67 -43.36
C18 84K F . -6.69 28.89 -41.31
C19 84K F . -7.30 28.36 -40.17
C2 84K F . -4.97 29.80 -52.46
C23 84K F . -6.95 30.06 -48.66
C3 84K F . -5.66 29.52 -51.13
C9 84K F . -2.49 29.50 -50.16
N2 84K F . -5.30 28.46 -45.81
O1 84K F . -6.76 29.05 -51.11
O2 84K F . -7.09 31.19 -48.99
O3 84K F . -8.07 29.26 -48.40
H6 84K F . -4.18 32.36 -49.55
H7 84K F . -1.89 33.24 -49.58
H8 84K F . 0.03 31.74 -50.00
H9 84K F . -0.36 29.33 -50.38
H16 84K F . -5.74 26.72 -46.54
H15 84K F . -6.99 27.97 -46.64
H19 84K F . -6.29 27.24 -44.54
H20 84K F . -6.90 28.91 -44.66
H25 84K F . -7.56 26.64 -38.92
H26 84K F . -6.06 25.23 -40.30
H27 84K F . -4.99 26.16 -42.31
H28 84K F . -9.40 30.03 -49.74
H30 84K F . -10.09 29.44 -48.23
H29 84K F . -9.17 30.96 -48.25
H3 84K F . -3.83 31.63 -52.82
H1 84K F . -5.42 31.89 -52.04
H2 84K F . -5.34 31.50 -53.79
H12 84K F . -5.01 31.33 -47.49
H11 84K F . -3.74 30.09 -47.49
H13 84K F . -4.69 30.22 -45.24
H14 84K F . -6.34 30.10 -45.88
H17 84K F . -4.52 27.67 -48.34
H18 84K F . -6.22 27.51 -48.84
H21 84K F . -5.13 29.74 -43.29
H22 84K F . -4.19 28.28 -43.45
H23 84K F . -6.87 29.92 -41.59
H24 84K F . -7.96 28.99 -39.57
H5 84K F . -3.96 29.40 -52.42
H4 84K F . -5.53 29.31 -53.25
H10 84K F . -2.66 28.45 -50.31
#